data_1BGT
# 
_entry.id   1BGT 
# 
_audit_conform.dict_name       mmcif_pdbx.dic 
_audit_conform.dict_version    5.385 
_audit_conform.dict_location   http://mmcif.pdb.org/dictionaries/ascii/mmcif_pdbx.dic 
# 
loop_
_database_2.database_id 
_database_2.database_code 
_database_2.pdbx_database_accession 
_database_2.pdbx_DOI 
PDB   1BGT         pdb_00001bgt 10.2210/pdb1bgt/pdb 
WWPDB D_1000171739 ?            ?                   
# 
loop_
_pdbx_audit_revision_history.ordinal 
_pdbx_audit_revision_history.data_content_type 
_pdbx_audit_revision_history.major_revision 
_pdbx_audit_revision_history.minor_revision 
_pdbx_audit_revision_history.revision_date 
1 'Structure model' 1 0 1994-09-30 
2 'Structure model' 1 1 2008-03-24 
3 'Structure model' 1 2 2011-07-13 
4 'Structure model' 1 3 2017-11-29 
5 'Structure model' 1 4 2024-02-07 
# 
_pdbx_audit_revision_details.ordinal             1 
_pdbx_audit_revision_details.revision_ordinal    1 
_pdbx_audit_revision_details.data_content_type   'Structure model' 
_pdbx_audit_revision_details.provider            repository 
_pdbx_audit_revision_details.type                'Initial release' 
_pdbx_audit_revision_details.description         ? 
_pdbx_audit_revision_details.details             ? 
# 
loop_
_pdbx_audit_revision_group.ordinal 
_pdbx_audit_revision_group.revision_ordinal 
_pdbx_audit_revision_group.data_content_type 
_pdbx_audit_revision_group.group 
1 2 'Structure model' 'Version format compliance' 
2 3 'Structure model' 'Version format compliance' 
3 4 'Structure model' 'Derived calculations'      
4 4 'Structure model' Other                       
5 5 'Structure model' 'Data collection'           
6 5 'Structure model' 'Database references'       
# 
loop_
_pdbx_audit_revision_category.ordinal 
_pdbx_audit_revision_category.revision_ordinal 
_pdbx_audit_revision_category.data_content_type 
_pdbx_audit_revision_category.category 
1 4 'Structure model' pdbx_database_status 
2 4 'Structure model' struct_conf          
3 4 'Structure model' struct_conf_type     
4 5 'Structure model' chem_comp_atom       
5 5 'Structure model' chem_comp_bond       
6 5 'Structure model' database_2           
# 
loop_
_pdbx_audit_revision_item.ordinal 
_pdbx_audit_revision_item.revision_ordinal 
_pdbx_audit_revision_item.data_content_type 
_pdbx_audit_revision_item.item 
1 4 'Structure model' '_pdbx_database_status.process_site'  
2 5 'Structure model' '_database_2.pdbx_DOI'                
3 5 'Structure model' '_database_2.pdbx_database_accession' 
# 
_pdbx_database_status.status_code                     REL 
_pdbx_database_status.entry_id                        1BGT 
_pdbx_database_status.recvd_initial_deposition_date   1994-06-09 
_pdbx_database_status.deposit_site                    ? 
_pdbx_database_status.process_site                    BNL 
_pdbx_database_status.SG_entry                        . 
_pdbx_database_status.pdb_format_compatible           Y 
_pdbx_database_status.status_code_mr                  ? 
_pdbx_database_status.status_code_sf                  ? 
_pdbx_database_status.status_code_cs                  ? 
_pdbx_database_status.methods_development_category    ? 
_pdbx_database_status.status_code_nmr_data            ? 
# 
loop_
_audit_author.name 
_audit_author.pdbx_ordinal 
'Vrielink, A.'     1 
'Rueger, W.'       2 
'Driessen, H.P.C.' 3 
'Freemont, P.S.'   4 
# 
loop_
_citation.id 
_citation.title 
_citation.journal_abbrev 
_citation.journal_volume 
_citation.page_first 
_citation.page_last 
_citation.year 
_citation.journal_id_ASTM 
_citation.country 
_citation.journal_id_ISSN 
_citation.journal_id_CSD 
_citation.book_publisher 
_citation.pdbx_database_id_PubMed 
_citation.pdbx_database_id_DOI 
primary 
;Crystal structure of the DNA modifying enzyme beta-glucosyltransferase in the presence and absence of the substrate uridine diphosphoglucose.
;
'EMBO J.'            13  3413 3422 1994 EMJODG UK 0261-4189 0897 ? 8062817 ? 
1       'Crystallization and Preliminary X-Ray Studies of T4 Phage Beta-Glucosyltransferase' J.Mol.Biol.          203 525  ?    
1988 JMOBAK UK 0022-2836 0070 ? ?       ? 
2       
'T4-Induced Alpha-and Beta-Glucosyltransferase: Cloning of the Genes and a Comparison of Their Products Based on Sequencing Data' 
'Nucleic Acids Res.' 13  7551 ?    1985 NARHAD UK 0305-1048 0389 ? ?       ? 
# 
loop_
_citation_author.citation_id 
_citation_author.name 
_citation_author.ordinal 
_citation_author.identifier_ORCID 
primary 'Vrielink, A.'     1  ? 
primary 'Ruger, W.'        2  ? 
primary 'Driessen, H.P.'   3  ? 
primary 'Freemont, P.S.'   4  ? 
1       'Freemont, P.S.'   5  ? 
1       'Rueger, W.'       6  ? 
2       'Tomaschewski, J.' 7  ? 
2       'Gram, H.'         8  ? 
2       'Crabb, J.W.'      9  ? 
2       'Ruger, W.'        10 ? 
# 
_entity.id                         1 
_entity.type                       polymer 
_entity.src_method                 man 
_entity.pdbx_description           BETA-GLUCOSYLTRANSFERASE 
_entity.formula_weight             40719.879 
_entity.pdbx_number_of_molecules   1 
_entity.pdbx_ec                    2.4.1.27 
_entity.pdbx_mutation              ? 
_entity.pdbx_fragment              ? 
_entity.details                    ? 
# 
_entity_poly.entity_id                      1 
_entity_poly.type                           'polypeptide(L)' 
_entity_poly.nstd_linkage                   no 
_entity_poly.nstd_monomer                   no 
_entity_poly.pdbx_seq_one_letter_code       
;MKIAIINMGNNVINFKTVPSSETIYLFKVISEMGLNVDIISLKNGVYTKSFDEVDVNDYDRLIVVNSSINFFGGKPNLAI
LSAQKFMAKYKSKIYYLFTDIRLPFSQSWPNVKNRPWAYLYTEEELLIKSPIKVISQGINLDIAKAAHKKVDNVIEFEYF
PIEQYKIHMNDFQLSKPTKKTLDVIYGGSFRSGQRESKMVEFLFDTGLNIEFFGNAREKQFKNPKYPWTKAPVFTGKIPM
NMVSEKNSQAIAALIIGDKNYNDNFITLRVWETMASDAVMLIDEEFDTKHRIINDARFYVNNRAELIDRVNELKHSDVLR
KEMLSIQHDILNKTRAKKAEWQDAFKKAIDL
;
_entity_poly.pdbx_seq_one_letter_code_can   
;MKIAIINMGNNVINFKTVPSSETIYLFKVISEMGLNVDIISLKNGVYTKSFDEVDVNDYDRLIVVNSSINFFGGKPNLAI
LSAQKFMAKYKSKIYYLFTDIRLPFSQSWPNVKNRPWAYLYTEEELLIKSPIKVISQGINLDIAKAAHKKVDNVIEFEYF
PIEQYKIHMNDFQLSKPTKKTLDVIYGGSFRSGQRESKMVEFLFDTGLNIEFFGNAREKQFKNPKYPWTKAPVFTGKIPM
NMVSEKNSQAIAALIIGDKNYNDNFITLRVWETMASDAVMLIDEEFDTKHRIINDARFYVNNRAELIDRVNELKHSDVLR
KEMLSIQHDILNKTRAKKAEWQDAFKKAIDL
;
_entity_poly.pdbx_strand_id                 A 
_entity_poly.pdbx_target_identifier         ? 
# 
loop_
_entity_poly_seq.entity_id 
_entity_poly_seq.num 
_entity_poly_seq.mon_id 
_entity_poly_seq.hetero 
1 1   MET n 
1 2   LYS n 
1 3   ILE n 
1 4   ALA n 
1 5   ILE n 
1 6   ILE n 
1 7   ASN n 
1 8   MET n 
1 9   GLY n 
1 10  ASN n 
1 11  ASN n 
1 12  VAL n 
1 13  ILE n 
1 14  ASN n 
1 15  PHE n 
1 16  LYS n 
1 17  THR n 
1 18  VAL n 
1 19  PRO n 
1 20  SER n 
1 21  SER n 
1 22  GLU n 
1 23  THR n 
1 24  ILE n 
1 25  TYR n 
1 26  LEU n 
1 27  PHE n 
1 28  LYS n 
1 29  VAL n 
1 30  ILE n 
1 31  SER n 
1 32  GLU n 
1 33  MET n 
1 34  GLY n 
1 35  LEU n 
1 36  ASN n 
1 37  VAL n 
1 38  ASP n 
1 39  ILE n 
1 40  ILE n 
1 41  SER n 
1 42  LEU n 
1 43  LYS n 
1 44  ASN n 
1 45  GLY n 
1 46  VAL n 
1 47  TYR n 
1 48  THR n 
1 49  LYS n 
1 50  SER n 
1 51  PHE n 
1 52  ASP n 
1 53  GLU n 
1 54  VAL n 
1 55  ASP n 
1 56  VAL n 
1 57  ASN n 
1 58  ASP n 
1 59  TYR n 
1 60  ASP n 
1 61  ARG n 
1 62  LEU n 
1 63  ILE n 
1 64  VAL n 
1 65  VAL n 
1 66  ASN n 
1 67  SER n 
1 68  SER n 
1 69  ILE n 
1 70  ASN n 
1 71  PHE n 
1 72  PHE n 
1 73  GLY n 
1 74  GLY n 
1 75  LYS n 
1 76  PRO n 
1 77  ASN n 
1 78  LEU n 
1 79  ALA n 
1 80  ILE n 
1 81  LEU n 
1 82  SER n 
1 83  ALA n 
1 84  GLN n 
1 85  LYS n 
1 86  PHE n 
1 87  MET n 
1 88  ALA n 
1 89  LYS n 
1 90  TYR n 
1 91  LYS n 
1 92  SER n 
1 93  LYS n 
1 94  ILE n 
1 95  TYR n 
1 96  TYR n 
1 97  LEU n 
1 98  PHE n 
1 99  THR n 
1 100 ASP n 
1 101 ILE n 
1 102 ARG n 
1 103 LEU n 
1 104 PRO n 
1 105 PHE n 
1 106 SER n 
1 107 GLN n 
1 108 SER n 
1 109 TRP n 
1 110 PRO n 
1 111 ASN n 
1 112 VAL n 
1 113 LYS n 
1 114 ASN n 
1 115 ARG n 
1 116 PRO n 
1 117 TRP n 
1 118 ALA n 
1 119 TYR n 
1 120 LEU n 
1 121 TYR n 
1 122 THR n 
1 123 GLU n 
1 124 GLU n 
1 125 GLU n 
1 126 LEU n 
1 127 LEU n 
1 128 ILE n 
1 129 LYS n 
1 130 SER n 
1 131 PRO n 
1 132 ILE n 
1 133 LYS n 
1 134 VAL n 
1 135 ILE n 
1 136 SER n 
1 137 GLN n 
1 138 GLY n 
1 139 ILE n 
1 140 ASN n 
1 141 LEU n 
1 142 ASP n 
1 143 ILE n 
1 144 ALA n 
1 145 LYS n 
1 146 ALA n 
1 147 ALA n 
1 148 HIS n 
1 149 LYS n 
1 150 LYS n 
1 151 VAL n 
1 152 ASP n 
1 153 ASN n 
1 154 VAL n 
1 155 ILE n 
1 156 GLU n 
1 157 PHE n 
1 158 GLU n 
1 159 TYR n 
1 160 PHE n 
1 161 PRO n 
1 162 ILE n 
1 163 GLU n 
1 164 GLN n 
1 165 TYR n 
1 166 LYS n 
1 167 ILE n 
1 168 HIS n 
1 169 MET n 
1 170 ASN n 
1 171 ASP n 
1 172 PHE n 
1 173 GLN n 
1 174 LEU n 
1 175 SER n 
1 176 LYS n 
1 177 PRO n 
1 178 THR n 
1 179 LYS n 
1 180 LYS n 
1 181 THR n 
1 182 LEU n 
1 183 ASP n 
1 184 VAL n 
1 185 ILE n 
1 186 TYR n 
1 187 GLY n 
1 188 GLY n 
1 189 SER n 
1 190 PHE n 
1 191 ARG n 
1 192 SER n 
1 193 GLY n 
1 194 GLN n 
1 195 ARG n 
1 196 GLU n 
1 197 SER n 
1 198 LYS n 
1 199 MET n 
1 200 VAL n 
1 201 GLU n 
1 202 PHE n 
1 203 LEU n 
1 204 PHE n 
1 205 ASP n 
1 206 THR n 
1 207 GLY n 
1 208 LEU n 
1 209 ASN n 
1 210 ILE n 
1 211 GLU n 
1 212 PHE n 
1 213 PHE n 
1 214 GLY n 
1 215 ASN n 
1 216 ALA n 
1 217 ARG n 
1 218 GLU n 
1 219 LYS n 
1 220 GLN n 
1 221 PHE n 
1 222 LYS n 
1 223 ASN n 
1 224 PRO n 
1 225 LYS n 
1 226 TYR n 
1 227 PRO n 
1 228 TRP n 
1 229 THR n 
1 230 LYS n 
1 231 ALA n 
1 232 PRO n 
1 233 VAL n 
1 234 PHE n 
1 235 THR n 
1 236 GLY n 
1 237 LYS n 
1 238 ILE n 
1 239 PRO n 
1 240 MET n 
1 241 ASN n 
1 242 MET n 
1 243 VAL n 
1 244 SER n 
1 245 GLU n 
1 246 LYS n 
1 247 ASN n 
1 248 SER n 
1 249 GLN n 
1 250 ALA n 
1 251 ILE n 
1 252 ALA n 
1 253 ALA n 
1 254 LEU n 
1 255 ILE n 
1 256 ILE n 
1 257 GLY n 
1 258 ASP n 
1 259 LYS n 
1 260 ASN n 
1 261 TYR n 
1 262 ASN n 
1 263 ASP n 
1 264 ASN n 
1 265 PHE n 
1 266 ILE n 
1 267 THR n 
1 268 LEU n 
1 269 ARG n 
1 270 VAL n 
1 271 TRP n 
1 272 GLU n 
1 273 THR n 
1 274 MET n 
1 275 ALA n 
1 276 SER n 
1 277 ASP n 
1 278 ALA n 
1 279 VAL n 
1 280 MET n 
1 281 LEU n 
1 282 ILE n 
1 283 ASP n 
1 284 GLU n 
1 285 GLU n 
1 286 PHE n 
1 287 ASP n 
1 288 THR n 
1 289 LYS n 
1 290 HIS n 
1 291 ARG n 
1 292 ILE n 
1 293 ILE n 
1 294 ASN n 
1 295 ASP n 
1 296 ALA n 
1 297 ARG n 
1 298 PHE n 
1 299 TYR n 
1 300 VAL n 
1 301 ASN n 
1 302 ASN n 
1 303 ARG n 
1 304 ALA n 
1 305 GLU n 
1 306 LEU n 
1 307 ILE n 
1 308 ASP n 
1 309 ARG n 
1 310 VAL n 
1 311 ASN n 
1 312 GLU n 
1 313 LEU n 
1 314 LYS n 
1 315 HIS n 
1 316 SER n 
1 317 ASP n 
1 318 VAL n 
1 319 LEU n 
1 320 ARG n 
1 321 LYS n 
1 322 GLU n 
1 323 MET n 
1 324 LEU n 
1 325 SER n 
1 326 ILE n 
1 327 GLN n 
1 328 HIS n 
1 329 ASP n 
1 330 ILE n 
1 331 LEU n 
1 332 ASN n 
1 333 LYS n 
1 334 THR n 
1 335 ARG n 
1 336 ALA n 
1 337 LYS n 
1 338 LYS n 
1 339 ALA n 
1 340 GLU n 
1 341 TRP n 
1 342 GLN n 
1 343 ASP n 
1 344 ALA n 
1 345 PHE n 
1 346 LYS n 
1 347 LYS n 
1 348 ALA n 
1 349 ILE n 
1 350 ASP n 
1 351 LEU n 
# 
_entity_src_gen.entity_id                          1 
_entity_src_gen.pdbx_src_id                        1 
_entity_src_gen.pdbx_alt_source_flag               sample 
_entity_src_gen.pdbx_seq_type                      ? 
_entity_src_gen.pdbx_beg_seq_num                   ? 
_entity_src_gen.pdbx_end_seq_num                   ? 
_entity_src_gen.gene_src_common_name               ? 
_entity_src_gen.gene_src_genus                     'T4-like viruses' 
_entity_src_gen.pdbx_gene_src_gene                 ? 
_entity_src_gen.gene_src_species                   'Enterobacteria phage T4 sensu lato' 
_entity_src_gen.gene_src_strain                    ? 
_entity_src_gen.gene_src_tissue                    ? 
_entity_src_gen.gene_src_tissue_fraction           ? 
_entity_src_gen.gene_src_details                   ? 
_entity_src_gen.pdbx_gene_src_fragment             ? 
_entity_src_gen.pdbx_gene_src_scientific_name      'Enterobacteria phage T4' 
_entity_src_gen.pdbx_gene_src_ncbi_taxonomy_id     10665 
_entity_src_gen.pdbx_gene_src_variant              ? 
_entity_src_gen.pdbx_gene_src_cell_line            ? 
_entity_src_gen.pdbx_gene_src_atcc                 ? 
_entity_src_gen.pdbx_gene_src_organ                ? 
_entity_src_gen.pdbx_gene_src_organelle            ? 
_entity_src_gen.pdbx_gene_src_cell                 ? 
_entity_src_gen.pdbx_gene_src_cellular_location    ? 
_entity_src_gen.host_org_common_name               ? 
_entity_src_gen.pdbx_host_org_scientific_name      ? 
_entity_src_gen.pdbx_host_org_ncbi_taxonomy_id     ? 
_entity_src_gen.host_org_genus                     ? 
_entity_src_gen.pdbx_host_org_gene                 ? 
_entity_src_gen.pdbx_host_org_organ                ? 
_entity_src_gen.host_org_species                   ? 
_entity_src_gen.pdbx_host_org_tissue               ? 
_entity_src_gen.pdbx_host_org_tissue_fraction      ? 
_entity_src_gen.pdbx_host_org_strain               ? 
_entity_src_gen.pdbx_host_org_variant              ? 
_entity_src_gen.pdbx_host_org_cell_line            ? 
_entity_src_gen.pdbx_host_org_atcc                 ? 
_entity_src_gen.pdbx_host_org_culture_collection   ? 
_entity_src_gen.pdbx_host_org_cell                 ? 
_entity_src_gen.pdbx_host_org_organelle            ? 
_entity_src_gen.pdbx_host_org_cellular_location    ? 
_entity_src_gen.pdbx_host_org_vector_type          ? 
_entity_src_gen.pdbx_host_org_vector               ? 
_entity_src_gen.host_org_details                   ? 
_entity_src_gen.expression_system_id               ? 
_entity_src_gen.plasmid_name                       ? 
_entity_src_gen.plasmid_details                    ? 
_entity_src_gen.pdbx_description                   ? 
# 
loop_
_chem_comp.id 
_chem_comp.type 
_chem_comp.mon_nstd_flag 
_chem_comp.name 
_chem_comp.pdbx_synonyms 
_chem_comp.formula 
_chem_comp.formula_weight 
ALA 'L-peptide linking' y ALANINE         ? 'C3 H7 N O2'     89.093  
ARG 'L-peptide linking' y ARGININE        ? 'C6 H15 N4 O2 1' 175.209 
ASN 'L-peptide linking' y ASPARAGINE      ? 'C4 H8 N2 O3'    132.118 
ASP 'L-peptide linking' y 'ASPARTIC ACID' ? 'C4 H7 N O4'     133.103 
GLN 'L-peptide linking' y GLUTAMINE       ? 'C5 H10 N2 O3'   146.144 
GLU 'L-peptide linking' y 'GLUTAMIC ACID' ? 'C5 H9 N O4'     147.129 
GLY 'peptide linking'   y GLYCINE         ? 'C2 H5 N O2'     75.067  
HIS 'L-peptide linking' y HISTIDINE       ? 'C6 H10 N3 O2 1' 156.162 
ILE 'L-peptide linking' y ISOLEUCINE      ? 'C6 H13 N O2'    131.173 
LEU 'L-peptide linking' y LEUCINE         ? 'C6 H13 N O2'    131.173 
LYS 'L-peptide linking' y LYSINE          ? 'C6 H15 N2 O2 1' 147.195 
MET 'L-peptide linking' y METHIONINE      ? 'C5 H11 N O2 S'  149.211 
PHE 'L-peptide linking' y PHENYLALANINE   ? 'C9 H11 N O2'    165.189 
PRO 'L-peptide linking' y PROLINE         ? 'C5 H9 N O2'     115.130 
SER 'L-peptide linking' y SERINE          ? 'C3 H7 N O3'     105.093 
THR 'L-peptide linking' y THREONINE       ? 'C4 H9 N O3'     119.119 
TRP 'L-peptide linking' y TRYPTOPHAN      ? 'C11 H12 N2 O2'  204.225 
TYR 'L-peptide linking' y TYROSINE        ? 'C9 H11 N O3'    181.189 
VAL 'L-peptide linking' y VALINE          ? 'C5 H11 N O2'    117.146 
# 
loop_
_pdbx_poly_seq_scheme.asym_id 
_pdbx_poly_seq_scheme.entity_id 
_pdbx_poly_seq_scheme.seq_id 
_pdbx_poly_seq_scheme.mon_id 
_pdbx_poly_seq_scheme.ndb_seq_num 
_pdbx_poly_seq_scheme.pdb_seq_num 
_pdbx_poly_seq_scheme.auth_seq_num 
_pdbx_poly_seq_scheme.pdb_mon_id 
_pdbx_poly_seq_scheme.auth_mon_id 
_pdbx_poly_seq_scheme.pdb_strand_id 
_pdbx_poly_seq_scheme.pdb_ins_code 
_pdbx_poly_seq_scheme.hetero 
A 1 1   MET 1   1   1   MET MET A . n 
A 1 2   LYS 2   2   2   LYS LYS A . n 
A 1 3   ILE 3   3   3   ILE ILE A . n 
A 1 4   ALA 4   4   4   ALA ALA A . n 
A 1 5   ILE 5   5   5   ILE ILE A . n 
A 1 6   ILE 6   6   6   ILE ILE A . n 
A 1 7   ASN 7   7   7   ASN ASN A . n 
A 1 8   MET 8   8   8   MET MET A . n 
A 1 9   GLY 9   9   9   GLY GLY A . n 
A 1 10  ASN 10  10  10  ASN ASN A . n 
A 1 11  ASN 11  11  11  ASN ASN A . n 
A 1 12  VAL 12  12  12  VAL VAL A . n 
A 1 13  ILE 13  13  13  ILE ILE A . n 
A 1 14  ASN 14  14  14  ASN ASN A . n 
A 1 15  PHE 15  15  15  PHE PHE A . n 
A 1 16  LYS 16  16  16  LYS LYS A . n 
A 1 17  THR 17  17  17  THR THR A . n 
A 1 18  VAL 18  18  18  VAL VAL A . n 
A 1 19  PRO 19  19  19  PRO PRO A . n 
A 1 20  SER 20  20  20  SER SER A . n 
A 1 21  SER 21  21  21  SER SER A . n 
A 1 22  GLU 22  22  22  GLU GLU A . n 
A 1 23  THR 23  23  23  THR THR A . n 
A 1 24  ILE 24  24  24  ILE ILE A . n 
A 1 25  TYR 25  25  25  TYR TYR A . n 
A 1 26  LEU 26  26  26  LEU LEU A . n 
A 1 27  PHE 27  27  27  PHE PHE A . n 
A 1 28  LYS 28  28  28  LYS LYS A . n 
A 1 29  VAL 29  29  29  VAL VAL A . n 
A 1 30  ILE 30  30  30  ILE ILE A . n 
A 1 31  SER 31  31  31  SER SER A . n 
A 1 32  GLU 32  32  32  GLU GLU A . n 
A 1 33  MET 33  33  33  MET MET A . n 
A 1 34  GLY 34  34  34  GLY GLY A . n 
A 1 35  LEU 35  35  35  LEU LEU A . n 
A 1 36  ASN 36  36  36  ASN ASN A . n 
A 1 37  VAL 37  37  37  VAL VAL A . n 
A 1 38  ASP 38  38  38  ASP ASP A . n 
A 1 39  ILE 39  39  39  ILE ILE A . n 
A 1 40  ILE 40  40  40  ILE ILE A . n 
A 1 41  SER 41  41  41  SER SER A . n 
A 1 42  LEU 42  42  42  LEU LEU A . n 
A 1 43  LYS 43  43  43  LYS LYS A . n 
A 1 44  ASN 44  44  44  ASN ASN A . n 
A 1 45  GLY 45  45  45  GLY GLY A . n 
A 1 46  VAL 46  46  46  VAL VAL A . n 
A 1 47  TYR 47  47  47  TYR TYR A . n 
A 1 48  THR 48  48  48  THR THR A . n 
A 1 49  LYS 49  49  49  LYS LYS A . n 
A 1 50  SER 50  50  50  SER SER A . n 
A 1 51  PHE 51  51  51  PHE PHE A . n 
A 1 52  ASP 52  52  52  ASP ASP A . n 
A 1 53  GLU 53  53  53  GLU GLU A . n 
A 1 54  VAL 54  54  54  VAL VAL A . n 
A 1 55  ASP 55  55  55  ASP ASP A . n 
A 1 56  VAL 56  56  56  VAL VAL A . n 
A 1 57  ASN 57  57  57  ASN ASN A . n 
A 1 58  ASP 58  58  58  ASP ASP A . n 
A 1 59  TYR 59  59  59  TYR TYR A . n 
A 1 60  ASP 60  60  60  ASP ASP A . n 
A 1 61  ARG 61  61  61  ARG ARG A . n 
A 1 62  LEU 62  62  62  LEU LEU A . n 
A 1 63  ILE 63  63  63  ILE ILE A . n 
A 1 64  VAL 64  64  64  VAL VAL A . n 
A 1 65  VAL 65  65  65  VAL VAL A . n 
A 1 66  ASN 66  66  66  ASN ASN A . n 
A 1 67  SER 67  67  67  SER SER A . n 
A 1 68  SER 68  68  ?   ?   ?   A . n 
A 1 69  ILE 69  69  ?   ?   ?   A . n 
A 1 70  ASN 70  70  ?   ?   ?   A . n 
A 1 71  PHE 71  71  ?   ?   ?   A . n 
A 1 72  PHE 72  72  ?   ?   ?   A . n 
A 1 73  GLY 73  73  ?   ?   ?   A . n 
A 1 74  GLY 74  74  ?   ?   ?   A . n 
A 1 75  LYS 75  75  75  LYS LYS A . n 
A 1 76  PRO 76  76  76  PRO PRO A . n 
A 1 77  ASN 77  77  77  ASN ASN A . n 
A 1 78  LEU 78  78  78  LEU LEU A . n 
A 1 79  ALA 79  79  79  ALA ALA A . n 
A 1 80  ILE 80  80  80  ILE ILE A . n 
A 1 81  LEU 81  81  81  LEU LEU A . n 
A 1 82  SER 82  82  82  SER SER A . n 
A 1 83  ALA 83  83  83  ALA ALA A . n 
A 1 84  GLN 84  84  84  GLN GLN A . n 
A 1 85  LYS 85  85  85  LYS LYS A . n 
A 1 86  PHE 86  86  86  PHE PHE A . n 
A 1 87  MET 87  87  87  MET MET A . n 
A 1 88  ALA 88  88  88  ALA ALA A . n 
A 1 89  LYS 89  89  89  LYS LYS A . n 
A 1 90  TYR 90  90  90  TYR TYR A . n 
A 1 91  LYS 91  91  91  LYS LYS A . n 
A 1 92  SER 92  92  92  SER SER A . n 
A 1 93  LYS 93  93  93  LYS LYS A . n 
A 1 94  ILE 94  94  94  ILE ILE A . n 
A 1 95  TYR 95  95  95  TYR TYR A . n 
A 1 96  TYR 96  96  96  TYR TYR A . n 
A 1 97  LEU 97  97  97  LEU LEU A . n 
A 1 98  PHE 98  98  98  PHE PHE A . n 
A 1 99  THR 99  99  99  THR THR A . n 
A 1 100 ASP 100 100 100 ASP ASP A . n 
A 1 101 ILE 101 101 101 ILE ILE A . n 
A 1 102 ARG 102 102 102 ARG ARG A . n 
A 1 103 LEU 103 103 103 LEU LEU A . n 
A 1 104 PRO 104 104 104 PRO PRO A . n 
A 1 105 PHE 105 105 105 PHE PHE A . n 
A 1 106 SER 106 106 106 SER SER A . n 
A 1 107 GLN 107 107 107 GLN GLN A . n 
A 1 108 SER 108 108 ?   ?   ?   A . n 
A 1 109 TRP 109 109 ?   ?   ?   A . n 
A 1 110 PRO 110 110 ?   ?   ?   A . n 
A 1 111 ASN 111 111 ?   ?   ?   A . n 
A 1 112 VAL 112 112 ?   ?   ?   A . n 
A 1 113 LYS 113 113 ?   ?   ?   A . n 
A 1 114 ASN 114 114 ?   ?   ?   A . n 
A 1 115 ARG 115 115 ?   ?   ?   A . n 
A 1 116 PRO 116 116 ?   ?   ?   A . n 
A 1 117 TRP 117 117 ?   ?   ?   A . n 
A 1 118 ALA 118 118 ?   ?   ?   A . n 
A 1 119 TYR 119 119 ?   ?   ?   A . n 
A 1 120 LEU 120 120 ?   ?   ?   A . n 
A 1 121 TYR 121 121 ?   ?   ?   A . n 
A 1 122 THR 122 122 ?   ?   ?   A . n 
A 1 123 GLU 123 123 123 GLU GLU A . n 
A 1 124 GLU 124 124 124 GLU GLU A . n 
A 1 125 GLU 125 125 125 GLU GLU A . n 
A 1 126 LEU 126 126 126 LEU LEU A . n 
A 1 127 LEU 127 127 127 LEU LEU A . n 
A 1 128 ILE 128 128 128 ILE ILE A . n 
A 1 129 LYS 129 129 129 LYS LYS A . n 
A 1 130 SER 130 130 130 SER SER A . n 
A 1 131 PRO 131 131 131 PRO PRO A . n 
A 1 132 ILE 132 132 132 ILE ILE A . n 
A 1 133 LYS 133 133 133 LYS LYS A . n 
A 1 134 VAL 134 134 134 VAL VAL A . n 
A 1 135 ILE 135 135 135 ILE ILE A . n 
A 1 136 SER 136 136 136 SER SER A . n 
A 1 137 GLN 137 137 137 GLN GLN A . n 
A 1 138 GLY 138 138 138 GLY GLY A . n 
A 1 139 ILE 139 139 139 ILE ILE A . n 
A 1 140 ASN 140 140 140 ASN ASN A . n 
A 1 141 LEU 141 141 141 LEU LEU A . n 
A 1 142 ASP 142 142 142 ASP ASP A . n 
A 1 143 ILE 143 143 143 ILE ILE A . n 
A 1 144 ALA 144 144 144 ALA ALA A . n 
A 1 145 LYS 145 145 145 LYS LYS A . n 
A 1 146 ALA 146 146 146 ALA ALA A . n 
A 1 147 ALA 147 147 147 ALA ALA A . n 
A 1 148 HIS 148 148 148 HIS HIS A . n 
A 1 149 LYS 149 149 149 LYS LYS A . n 
A 1 150 LYS 150 150 150 LYS LYS A . n 
A 1 151 VAL 151 151 151 VAL VAL A . n 
A 1 152 ASP 152 152 152 ASP ASP A . n 
A 1 153 ASN 153 153 153 ASN ASN A . n 
A 1 154 VAL 154 154 154 VAL VAL A . n 
A 1 155 ILE 155 155 155 ILE ILE A . n 
A 1 156 GLU 156 156 156 GLU GLU A . n 
A 1 157 PHE 157 157 157 PHE PHE A . n 
A 1 158 GLU 158 158 158 GLU GLU A . n 
A 1 159 TYR 159 159 159 TYR TYR A . n 
A 1 160 PHE 160 160 160 PHE PHE A . n 
A 1 161 PRO 161 161 161 PRO PRO A . n 
A 1 162 ILE 162 162 162 ILE ILE A . n 
A 1 163 GLU 163 163 163 GLU GLU A . n 
A 1 164 GLN 164 164 164 GLN GLN A . n 
A 1 165 TYR 165 165 165 TYR TYR A . n 
A 1 166 LYS 166 166 166 LYS LYS A . n 
A 1 167 ILE 167 167 167 ILE ILE A . n 
A 1 168 HIS 168 168 168 HIS HIS A . n 
A 1 169 MET 169 169 169 MET MET A . n 
A 1 170 ASN 170 170 170 ASN ASN A . n 
A 1 171 ASP 171 171 171 ASP ASP A . n 
A 1 172 PHE 172 172 172 PHE PHE A . n 
A 1 173 GLN 173 173 173 GLN GLN A . n 
A 1 174 LEU 174 174 174 LEU LEU A . n 
A 1 175 SER 175 175 175 SER SER A . n 
A 1 176 LYS 176 176 176 LYS LYS A . n 
A 1 177 PRO 177 177 177 PRO PRO A . n 
A 1 178 THR 178 178 178 THR THR A . n 
A 1 179 LYS 179 179 179 LYS LYS A . n 
A 1 180 LYS 180 180 180 LYS LYS A . n 
A 1 181 THR 181 181 181 THR THR A . n 
A 1 182 LEU 182 182 182 LEU LEU A . n 
A 1 183 ASP 183 183 183 ASP ASP A . n 
A 1 184 VAL 184 184 184 VAL VAL A . n 
A 1 185 ILE 185 185 185 ILE ILE A . n 
A 1 186 TYR 186 186 186 TYR TYR A . n 
A 1 187 GLY 187 187 187 GLY GLY A . n 
A 1 188 GLY 188 188 188 GLY GLY A . n 
A 1 189 SER 189 189 189 SER SER A . n 
A 1 190 PHE 190 190 190 PHE PHE A . n 
A 1 191 ARG 191 191 191 ARG ARG A . n 
A 1 192 SER 192 192 192 SER SER A . n 
A 1 193 GLY 193 193 193 GLY GLY A . n 
A 1 194 GLN 194 194 194 GLN GLN A . n 
A 1 195 ARG 195 195 195 ARG ARG A . n 
A 1 196 GLU 196 196 196 GLU GLU A . n 
A 1 197 SER 197 197 197 SER SER A . n 
A 1 198 LYS 198 198 198 LYS LYS A . n 
A 1 199 MET 199 199 199 MET MET A . n 
A 1 200 VAL 200 200 200 VAL VAL A . n 
A 1 201 GLU 201 201 201 GLU GLU A . n 
A 1 202 PHE 202 202 202 PHE PHE A . n 
A 1 203 LEU 203 203 203 LEU LEU A . n 
A 1 204 PHE 204 204 204 PHE PHE A . n 
A 1 205 ASP 205 205 205 ASP ASP A . n 
A 1 206 THR 206 206 206 THR THR A . n 
A 1 207 GLY 207 207 207 GLY GLY A . n 
A 1 208 LEU 208 208 208 LEU LEU A . n 
A 1 209 ASN 209 209 209 ASN ASN A . n 
A 1 210 ILE 210 210 210 ILE ILE A . n 
A 1 211 GLU 211 211 211 GLU GLU A . n 
A 1 212 PHE 212 212 212 PHE PHE A . n 
A 1 213 PHE 213 213 213 PHE PHE A . n 
A 1 214 GLY 214 214 214 GLY GLY A . n 
A 1 215 ASN 215 215 215 ASN ASN A . n 
A 1 216 ALA 216 216 216 ALA ALA A . n 
A 1 217 ARG 217 217 217 ARG ARG A . n 
A 1 218 GLU 218 218 218 GLU GLU A . n 
A 1 219 LYS 219 219 219 LYS LYS A . n 
A 1 220 GLN 220 220 220 GLN GLN A . n 
A 1 221 PHE 221 221 221 PHE PHE A . n 
A 1 222 LYS 222 222 222 LYS LYS A . n 
A 1 223 ASN 223 223 223 ASN ASN A . n 
A 1 224 PRO 224 224 224 PRO PRO A . n 
A 1 225 LYS 225 225 225 LYS LYS A . n 
A 1 226 TYR 226 226 226 TYR TYR A . n 
A 1 227 PRO 227 227 227 PRO PRO A . n 
A 1 228 TRP 228 228 228 TRP TRP A . n 
A 1 229 THR 229 229 229 THR THR A . n 
A 1 230 LYS 230 230 230 LYS LYS A . n 
A 1 231 ALA 231 231 231 ALA ALA A . n 
A 1 232 PRO 232 232 232 PRO PRO A . n 
A 1 233 VAL 233 233 233 VAL VAL A . n 
A 1 234 PHE 234 234 234 PHE PHE A . n 
A 1 235 THR 235 235 235 THR THR A . n 
A 1 236 GLY 236 236 236 GLY GLY A . n 
A 1 237 LYS 237 237 237 LYS LYS A . n 
A 1 238 ILE 238 238 238 ILE ILE A . n 
A 1 239 PRO 239 239 239 PRO PRO A . n 
A 1 240 MET 240 240 240 MET MET A . n 
A 1 241 ASN 241 241 241 ASN ASN A . n 
A 1 242 MET 242 242 242 MET MET A . n 
A 1 243 VAL 243 243 243 VAL VAL A . n 
A 1 244 SER 244 244 244 SER SER A . n 
A 1 245 GLU 245 245 245 GLU GLU A . n 
A 1 246 LYS 246 246 246 LYS LYS A . n 
A 1 247 ASN 247 247 247 ASN ASN A . n 
A 1 248 SER 248 248 248 SER SER A . n 
A 1 249 GLN 249 249 249 GLN GLN A . n 
A 1 250 ALA 250 250 250 ALA ALA A . n 
A 1 251 ILE 251 251 251 ILE ILE A . n 
A 1 252 ALA 252 252 252 ALA ALA A . n 
A 1 253 ALA 253 253 253 ALA ALA A . n 
A 1 254 LEU 254 254 254 LEU LEU A . n 
A 1 255 ILE 255 255 255 ILE ILE A . n 
A 1 256 ILE 256 256 256 ILE ILE A . n 
A 1 257 GLY 257 257 257 GLY GLY A . n 
A 1 258 ASP 258 258 258 ASP ASP A . n 
A 1 259 LYS 259 259 259 LYS LYS A . n 
A 1 260 ASN 260 260 260 ASN ASN A . n 
A 1 261 TYR 261 261 261 TYR TYR A . n 
A 1 262 ASN 262 262 262 ASN ASN A . n 
A 1 263 ASP 263 263 263 ASP ASP A . n 
A 1 264 ASN 264 264 264 ASN ASN A . n 
A 1 265 PHE 265 265 265 PHE PHE A . n 
A 1 266 ILE 266 266 266 ILE ILE A . n 
A 1 267 THR 267 267 267 THR THR A . n 
A 1 268 LEU 268 268 268 LEU LEU A . n 
A 1 269 ARG 269 269 269 ARG ARG A . n 
A 1 270 VAL 270 270 270 VAL VAL A . n 
A 1 271 TRP 271 271 271 TRP TRP A . n 
A 1 272 GLU 272 272 272 GLU GLU A . n 
A 1 273 THR 273 273 273 THR THR A . n 
A 1 274 MET 274 274 274 MET MET A . n 
A 1 275 ALA 275 275 275 ALA ALA A . n 
A 1 276 SER 276 276 276 SER SER A . n 
A 1 277 ASP 277 277 277 ASP ASP A . n 
A 1 278 ALA 278 278 278 ALA ALA A . n 
A 1 279 VAL 279 279 279 VAL VAL A . n 
A 1 280 MET 280 280 280 MET MET A . n 
A 1 281 LEU 281 281 281 LEU LEU A . n 
A 1 282 ILE 282 282 282 ILE ILE A . n 
A 1 283 ASP 283 283 283 ASP ASP A . n 
A 1 284 GLU 284 284 284 GLU GLU A . n 
A 1 285 GLU 285 285 285 GLU GLU A . n 
A 1 286 PHE 286 286 286 PHE PHE A . n 
A 1 287 ASP 287 287 287 ASP ASP A . n 
A 1 288 THR 288 288 288 THR THR A . n 
A 1 289 LYS 289 289 289 LYS LYS A . n 
A 1 290 HIS 290 290 290 HIS HIS A . n 
A 1 291 ARG 291 291 291 ARG ARG A . n 
A 1 292 ILE 292 292 292 ILE ILE A . n 
A 1 293 ILE 293 293 293 ILE ILE A . n 
A 1 294 ASN 294 294 294 ASN ASN A . n 
A 1 295 ASP 295 295 295 ASP ASP A . n 
A 1 296 ALA 296 296 296 ALA ALA A . n 
A 1 297 ARG 297 297 297 ARG ARG A . n 
A 1 298 PHE 298 298 298 PHE PHE A . n 
A 1 299 TYR 299 299 299 TYR TYR A . n 
A 1 300 VAL 300 300 300 VAL VAL A . n 
A 1 301 ASN 301 301 301 ASN ASN A . n 
A 1 302 ASN 302 302 302 ASN ASN A . n 
A 1 303 ARG 303 303 303 ARG ARG A . n 
A 1 304 ALA 304 304 304 ALA ALA A . n 
A 1 305 GLU 305 305 305 GLU GLU A . n 
A 1 306 LEU 306 306 306 LEU LEU A . n 
A 1 307 ILE 307 307 307 ILE ILE A . n 
A 1 308 ASP 308 308 308 ASP ASP A . n 
A 1 309 ARG 309 309 309 ARG ARG A . n 
A 1 310 VAL 310 310 310 VAL VAL A . n 
A 1 311 ASN 311 311 311 ASN ASN A . n 
A 1 312 GLU 312 312 312 GLU GLU A . n 
A 1 313 LEU 313 313 313 LEU LEU A . n 
A 1 314 LYS 314 314 314 LYS LYS A . n 
A 1 315 HIS 315 315 315 HIS HIS A . n 
A 1 316 SER 316 316 316 SER SER A . n 
A 1 317 ASP 317 317 317 ASP ASP A . n 
A 1 318 VAL 318 318 318 VAL VAL A . n 
A 1 319 LEU 319 319 319 LEU LEU A . n 
A 1 320 ARG 320 320 320 ARG ARG A . n 
A 1 321 LYS 321 321 321 LYS LYS A . n 
A 1 322 GLU 322 322 322 GLU GLU A . n 
A 1 323 MET 323 323 323 MET MET A . n 
A 1 324 LEU 324 324 324 LEU LEU A . n 
A 1 325 SER 325 325 325 SER SER A . n 
A 1 326 ILE 326 326 326 ILE ILE A . n 
A 1 327 GLN 327 327 327 GLN GLN A . n 
A 1 328 HIS 328 328 328 HIS HIS A . n 
A 1 329 ASP 329 329 329 ASP ASP A . n 
A 1 330 ILE 330 330 330 ILE ILE A . n 
A 1 331 LEU 331 331 331 LEU LEU A . n 
A 1 332 ASN 332 332 332 ASN ASN A . n 
A 1 333 LYS 333 333 333 LYS LYS A . n 
A 1 334 THR 334 334 334 THR THR A . n 
A 1 335 ARG 335 335 335 ARG ARG A . n 
A 1 336 ALA 336 336 336 ALA ALA A . n 
A 1 337 LYS 337 337 337 LYS LYS A . n 
A 1 338 LYS 338 338 338 LYS LYS A . n 
A 1 339 ALA 339 339 339 ALA ALA A . n 
A 1 340 GLU 340 340 340 GLU GLU A . n 
A 1 341 TRP 341 341 341 TRP TRP A . n 
A 1 342 GLN 342 342 342 GLN GLN A . n 
A 1 343 ASP 343 343 343 ASP ASP A . n 
A 1 344 ALA 344 344 344 ALA ALA A . n 
A 1 345 PHE 345 345 345 PHE PHE A . n 
A 1 346 LYS 346 346 346 LYS LYS A . n 
A 1 347 LYS 347 347 347 LYS LYS A . n 
A 1 348 ALA 348 348 348 ALA ALA A . n 
A 1 349 ILE 349 349 349 ILE ILE A . n 
A 1 350 ASP 350 350 350 ASP ASP A . n 
A 1 351 LEU 351 351 351 LEU LEU A . n 
# 
loop_
_software.name 
_software.classification 
_software.version 
_software.citation_id 
_software.pdbx_ordinal 
X-PLOR 'model building' . ? 1 
X-PLOR refinement       . ? 2 
X-PLOR phasing          . ? 3 
# 
_cell.entry_id           1BGT 
_cell.length_a           152.880 
_cell.length_b           52.250 
_cell.length_c           53.660 
_cell.angle_alpha        90.00 
_cell.angle_beta         90.00 
_cell.angle_gamma        90.00 
_cell.Z_PDB              4 
_cell.pdbx_unique_axis   ? 
# 
_symmetry.entry_id                         1BGT 
_symmetry.space_group_name_H-M             'P 21 21 2' 
_symmetry.pdbx_full_space_group_name_H-M   ? 
_symmetry.cell_setting                     ? 
_symmetry.Int_Tables_number                18 
# 
_exptl.entry_id          1BGT 
_exptl.method            'X-RAY DIFFRACTION' 
_exptl.crystals_number   ? 
# 
_exptl_crystal.id                    1 
_exptl_crystal.density_meas          ? 
_exptl_crystal.density_Matthews      2.63 
_exptl_crystal.density_percent_sol   53.25 
_exptl_crystal.description           ? 
# 
_diffrn.id                     1 
_diffrn.crystal_id             1 
_diffrn.ambient_temp           ? 
_diffrn.ambient_temp_details   ? 
# 
_refine.entry_id                                 1BGT 
_refine.ls_number_reflns_obs                     18758 
_refine.ls_number_reflns_all                     ? 
_refine.pdbx_ls_sigma_I                          ? 
_refine.pdbx_ls_sigma_F                          0.0 
_refine.pdbx_data_cutoff_high_absF               ? 
_refine.pdbx_data_cutoff_low_absF                ? 
_refine.pdbx_data_cutoff_high_rms_absF           ? 
_refine.ls_d_res_low                             10.0 
_refine.ls_d_res_high                            2.2 
_refine.ls_percent_reflns_obs                    ? 
_refine.ls_R_factor_obs                          0.1940000 
_refine.ls_R_factor_all                          ? 
_refine.ls_R_factor_R_work                       0.1940000 
_refine.ls_R_factor_R_free                       ? 
_refine.ls_R_factor_R_free_error                 ? 
_refine.ls_R_factor_R_free_error_details         ? 
_refine.ls_percent_reflns_R_free                 ? 
_refine.ls_number_reflns_R_free                  ? 
_refine.ls_number_parameters                     ? 
_refine.ls_number_restraints                     ? 
_refine.occupancy_min                            ? 
_refine.occupancy_max                            ? 
_refine.B_iso_mean                               ? 
_refine.aniso_B[1][1]                            ? 
_refine.aniso_B[2][2]                            ? 
_refine.aniso_B[3][3]                            ? 
_refine.aniso_B[1][2]                            ? 
_refine.aniso_B[1][3]                            ? 
_refine.aniso_B[2][3]                            ? 
_refine.solvent_model_details                    ? 
_refine.solvent_model_param_ksol                 ? 
_refine.solvent_model_param_bsol                 ? 
_refine.pdbx_ls_cross_valid_method               ? 
_refine.details                                  
;THE COORDINATES ARE PRESENTED IN A COORDINATE FRAME THAT IS
TRANSLATED BY 1/4*152.880 ALONG A AND 1/4*52.25 ALONG B.
THUS THE TRANSFORMATION PRESENTED ON *SCALE* RECORDS BELOW
IS NOT THE DEFAULT.
;
_refine.pdbx_starting_model                      ? 
_refine.pdbx_method_to_determine_struct          ? 
_refine.pdbx_isotropic_thermal_model             ? 
_refine.pdbx_stereochemistry_target_values       ? 
_refine.pdbx_stereochem_target_val_spec_case     ? 
_refine.pdbx_R_Free_selection_details            ? 
_refine.pdbx_overall_ESU_R                       ? 
_refine.pdbx_overall_ESU_R_Free                  ? 
_refine.overall_SU_ML                            ? 
_refine.overall_SU_B                             ? 
_refine.pdbx_refine_id                           'X-RAY DIFFRACTION' 
_refine.pdbx_diffrn_id                           1 
_refine.pdbx_TLS_residual_ADP_flag               ? 
_refine.correlation_coeff_Fo_to_Fc               ? 
_refine.correlation_coeff_Fo_to_Fc_free          ? 
_refine.pdbx_solvent_vdw_probe_radii             ? 
_refine.pdbx_solvent_ion_probe_radii             ? 
_refine.pdbx_solvent_shrinkage_radii             ? 
_refine.pdbx_overall_phase_error                 ? 
_refine.overall_SU_R_Cruickshank_DPI             ? 
_refine.pdbx_overall_SU_R_free_Cruickshank_DPI   ? 
_refine.pdbx_overall_SU_R_Blow_DPI               ? 
_refine.pdbx_overall_SU_R_free_Blow_DPI          ? 
# 
_refine_hist.pdbx_refine_id                   'X-RAY DIFFRACTION' 
_refine_hist.cycle_id                         LAST 
_refine_hist.pdbx_number_atoms_protein        329 
_refine_hist.pdbx_number_atoms_nucleic_acid   0 
_refine_hist.pdbx_number_atoms_ligand         0 
_refine_hist.number_atoms_solvent             0 
_refine_hist.number_atoms_total               329 
_refine_hist.d_res_high                       2.2 
_refine_hist.d_res_low                        10.0 
# 
loop_
_refine_ls_restr.type 
_refine_ls_restr.dev_ideal 
_refine_ls_restr.dev_ideal_target 
_refine_ls_restr.weight 
_refine_ls_restr.number 
_refine_ls_restr.pdbx_refine_id 
_refine_ls_restr.pdbx_restraint_function 
x_bond_d                0.011 ? ? ? 'X-RAY DIFFRACTION' ? 
x_bond_d_na             ?     ? ? ? 'X-RAY DIFFRACTION' ? 
x_bond_d_prot           ?     ? ? ? 'X-RAY DIFFRACTION' ? 
x_angle_d               ?     ? ? ? 'X-RAY DIFFRACTION' ? 
x_angle_d_na            ?     ? ? ? 'X-RAY DIFFRACTION' ? 
x_angle_d_prot          ?     ? ? ? 'X-RAY DIFFRACTION' ? 
x_angle_deg             ?     ? ? ? 'X-RAY DIFFRACTION' ? 
x_angle_deg_na          ?     ? ? ? 'X-RAY DIFFRACTION' ? 
x_angle_deg_prot        ?     ? ? ? 'X-RAY DIFFRACTION' ? 
x_dihedral_angle_d      ?     ? ? ? 'X-RAY DIFFRACTION' ? 
x_dihedral_angle_d_na   ?     ? ? ? 'X-RAY DIFFRACTION' ? 
x_dihedral_angle_d_prot ?     ? ? ? 'X-RAY DIFFRACTION' ? 
x_improper_angle_d      ?     ? ? ? 'X-RAY DIFFRACTION' ? 
x_improper_angle_d_na   ?     ? ? ? 'X-RAY DIFFRACTION' ? 
x_improper_angle_d_prot ?     ? ? ? 'X-RAY DIFFRACTION' ? 
x_mcbond_it             ?     ? ? ? 'X-RAY DIFFRACTION' ? 
x_mcangle_it            ?     ? ? ? 'X-RAY DIFFRACTION' ? 
x_scbond_it             ?     ? ? ? 'X-RAY DIFFRACTION' ? 
x_scangle_it            ?     ? ? ? 'X-RAY DIFFRACTION' ? 
# 
_struct.entry_id                  1BGT 
_struct.title                     
;CRYSTAL STRUCTURE OF THE DNA MODIFYING ENZYME BETA-GLUCOSYLTRANSFERASE IN THE PRESENCE AND ABSENCE OF THE SUBSTRATE URIDINE DIPHOSPHOGLUCOSE
;
_struct.pdbx_model_details        ? 
_struct.pdbx_CASP_flag            ? 
_struct.pdbx_model_type_details   ? 
# 
_struct_keywords.entry_id        1BGT 
_struct_keywords.pdbx_keywords   'TRANSFERASE(GLYCOSYLTRANSFERASE)' 
_struct_keywords.text            'TRANSFERASE(GLYCOSYLTRANSFERASE)' 
# 
_struct_asym.id                            A 
_struct_asym.pdbx_blank_PDB_chainid_flag   N 
_struct_asym.pdbx_modified                 N 
_struct_asym.entity_id                     1 
_struct_asym.details                       ? 
# 
_struct_ref.id                         1 
_struct_ref.db_name                    UNP 
_struct_ref.db_code                    GSTB_BPT4 
_struct_ref.entity_id                  1 
_struct_ref.pdbx_db_accession          P04547 
_struct_ref.pdbx_align_begin           1 
_struct_ref.pdbx_seq_one_letter_code   
;MKIAIINMGNNVINFKTVPSSETIYLFKVISEMGLNVDIISLKNGVYTKSFDEVDVNDYDRLIVVNSSINFFGGKPNLAI
LSAQKFMAKYKSKIYYLFTDIRLPFSQSWPNVKNRPWAYLYTEEELLIKSPIKVISQGINLDIAKAAHKKVDNVIEFEYF
PIEQYKIHMNDFQLSKPTKKTLDVIYGGSFRSGQRESKMVEFLFDTGLNIEFFGNAREKQFKNPKYPWTKAPVFTGKIPM
NMVSEKNSQAIAALIIGDKNYNDNFITLRVWETMASDAVMLIDEEFDTKHRIINDARFYVNNRAELIDRVNELKHSDVLR
KEMLSIQHDILNKTRAKKAEWQDAFKKAIDL
;
_struct_ref.pdbx_db_isoform            ? 
# 
_struct_ref_seq.align_id                      1 
_struct_ref_seq.ref_id                        1 
_struct_ref_seq.pdbx_PDB_id_code              1BGT 
_struct_ref_seq.pdbx_strand_id                A 
_struct_ref_seq.seq_align_beg                 1 
_struct_ref_seq.pdbx_seq_align_beg_ins_code   ? 
_struct_ref_seq.seq_align_end                 351 
_struct_ref_seq.pdbx_seq_align_end_ins_code   ? 
_struct_ref_seq.pdbx_db_accession             P04547 
_struct_ref_seq.db_align_beg                  1 
_struct_ref_seq.pdbx_db_align_beg_ins_code    ? 
_struct_ref_seq.db_align_end                  351 
_struct_ref_seq.pdbx_db_align_end_ins_code    ? 
_struct_ref_seq.pdbx_auth_seq_align_beg       1 
_struct_ref_seq.pdbx_auth_seq_align_end       351 
# 
_pdbx_struct_assembly.id                   1 
_pdbx_struct_assembly.details              author_defined_assembly 
_pdbx_struct_assembly.method_details       ? 
_pdbx_struct_assembly.oligomeric_details   monomeric 
_pdbx_struct_assembly.oligomeric_count     1 
# 
_pdbx_struct_assembly_gen.assembly_id       1 
_pdbx_struct_assembly_gen.oper_expression   1 
_pdbx_struct_assembly_gen.asym_id_list      A 
# 
_pdbx_struct_oper_list.id                   1 
_pdbx_struct_oper_list.type                 'identity operation' 
_pdbx_struct_oper_list.name                 1_555 
_pdbx_struct_oper_list.symmetry_operation   x,y,z 
_pdbx_struct_oper_list.matrix[1][1]         1.0000000000 
_pdbx_struct_oper_list.matrix[1][2]         0.0000000000 
_pdbx_struct_oper_list.matrix[1][3]         0.0000000000 
_pdbx_struct_oper_list.vector[1]            0.0000000000 
_pdbx_struct_oper_list.matrix[2][1]         0.0000000000 
_pdbx_struct_oper_list.matrix[2][2]         1.0000000000 
_pdbx_struct_oper_list.matrix[2][3]         0.0000000000 
_pdbx_struct_oper_list.vector[2]            0.0000000000 
_pdbx_struct_oper_list.matrix[3][1]         0.0000000000 
_pdbx_struct_oper_list.matrix[3][2]         0.0000000000 
_pdbx_struct_oper_list.matrix[3][3]         1.0000000000 
_pdbx_struct_oper_list.vector[3]            0.0000000000 
# 
_struct_biol.id   1 
# 
loop_
_struct_conf.conf_type_id 
_struct_conf.id 
_struct_conf.pdbx_PDB_helix_id 
_struct_conf.beg_label_comp_id 
_struct_conf.beg_label_asym_id 
_struct_conf.beg_label_seq_id 
_struct_conf.pdbx_beg_PDB_ins_code 
_struct_conf.end_label_comp_id 
_struct_conf.end_label_asym_id 
_struct_conf.end_label_seq_id 
_struct_conf.pdbx_end_PDB_ins_code 
_struct_conf.beg_auth_comp_id 
_struct_conf.beg_auth_asym_id 
_struct_conf.beg_auth_seq_id 
_struct_conf.end_auth_comp_id 
_struct_conf.end_auth_asym_id 
_struct_conf.end_auth_seq_id 
_struct_conf.pdbx_PDB_helix_class 
_struct_conf.details 
_struct_conf.pdbx_PDB_helix_length 
HELX_P HELX_P1  H1  VAL A 18  ? ILE A 30  ? VAL A 18  ILE A 30  1 ? 13 
HELX_P HELX_P2  H1A PHE A 51  ? GLU A 53  ? PHE A 51  GLU A 53  5 ? 3  
HELX_P HELX_P3  H1B ASP A 55  ? ASP A 58  ? ASP A 55  ASP A 58  5 ? 4  
HELX_P HELX_P4  H2  LEU A 78  ? MET A 87  ? LEU A 78  MET A 87  1 ? 10 
HELX_P HELX_P5  H3  ASP A 100 ? LEU A 103 ? ASP A 100 LEU A 103 1 ? 4  
HELX_P HELX_P6  H4  GLU A 124 ? LEU A 127 ? GLU A 124 LEU A 127 1 ? 4  
HELX_P HELX_P7  H5  ASN A 140 ? HIS A 148 ? ASN A 140 HIS A 148 1 ? 9  
HELX_P HELX_P8  H6  ILE A 162 ? TYR A 165 ? ILE A 162 TYR A 165 1 ? 4  
HELX_P HELX_P9  H7  GLU A 196 ? LEU A 203 ? GLU A 196 LEU A 203 1 ? 8  
HELX_P HELX_P10 H8  ARG A 217 ? PHE A 221 ? ARG A 217 PHE A 221 5 ? 5  
HELX_P HELX_P11 H9  VAL A 243 ? ASN A 247 ? VAL A 243 ASN A 247 1 ? 5  
HELX_P HELX_P12 H10 LEU A 268 ? ALA A 275 ? LEU A 268 ALA A 275 1 ? 8  
HELX_P HELX_P13 10A GLU A 284 ? ASP A 287 ? GLU A 284 ASP A 287 5 ? 4  
HELX_P HELX_P14 10B ASP A 295 ? PHE A 298 ? ASP A 295 PHE A 298 5 ? 4  
HELX_P HELX_P15 H11 ARG A 303 ? HIS A 315 ? ARG A 303 HIS A 315 1 ? 13 
HELX_P HELX_P16 H12 ASP A 317 ? THR A 334 ? ASP A 317 THR A 334 1 ? 18 
HELX_P HELX_P17 H13 LYS A 338 ? ALA A 348 ? LYS A 338 ALA A 348 1 ? 11 
# 
_struct_conf_type.id          HELX_P 
_struct_conf_type.criteria    ? 
_struct_conf_type.reference   ? 
# 
loop_
_struct_sheet.id 
_struct_sheet.type 
_struct_sheet.number_strands 
_struct_sheet.details 
A ? 7 ? 
B ? 6 ? 
# 
loop_
_struct_sheet_order.sheet_id 
_struct_sheet_order.range_id_1 
_struct_sheet_order.range_id_2 
_struct_sheet_order.offset 
_struct_sheet_order.sense 
A 1 2 ? parallel 
A 2 3 ? parallel 
A 3 4 ? parallel 
A 4 5 ? parallel 
A 5 6 ? parallel 
A 6 7 ? parallel 
B 1 2 ? parallel 
B 2 3 ? parallel 
B 3 4 ? parallel 
B 4 5 ? parallel 
B 5 6 ? parallel 
# 
loop_
_struct_sheet_range.sheet_id 
_struct_sheet_range.id 
_struct_sheet_range.beg_label_comp_id 
_struct_sheet_range.beg_label_asym_id 
_struct_sheet_range.beg_label_seq_id 
_struct_sheet_range.pdbx_beg_PDB_ins_code 
_struct_sheet_range.end_label_comp_id 
_struct_sheet_range.end_label_asym_id 
_struct_sheet_range.end_label_seq_id 
_struct_sheet_range.pdbx_end_PDB_ins_code 
_struct_sheet_range.beg_auth_comp_id 
_struct_sheet_range.beg_auth_asym_id 
_struct_sheet_range.beg_auth_seq_id 
_struct_sheet_range.end_auth_comp_id 
_struct_sheet_range.end_auth_asym_id 
_struct_sheet_range.end_auth_seq_id 
A 1 THR A 48  ? SER A 50  ? THR A 48  SER A 50  
A 2 ASN A 36  ? SER A 41  ? ASN A 36  SER A 41  
A 3 MET A 1   ? ASN A 7   ? MET A 1   ASN A 7   
A 4 ARG A 61  ? VAL A 65  ? ARG A 61  VAL A 65  
A 5 ILE A 94  ? PHE A 98  ? ILE A 94  PHE A 98  
A 6 ILE A 132 ? SER A 136 ? ILE A 132 SER A 136 
A 7 ILE A 155 ? TYR A 159 ? ILE A 155 TYR A 159 
B 1 VAL A 233 ? PHE A 234 ? VAL A 233 PHE A 234 
B 2 ILE A 210 ? PHE A 213 ? ILE A 210 PHE A 213 
B 3 LEU A 182 ? GLY A 187 ? LEU A 182 GLY A 187 
B 4 ALA A 250 ? ILE A 255 ? ALA A 250 ILE A 255 
B 5 VAL A 279 ? ASP A 283 ? VAL A 279 ASP A 283 
B 6 TYR A 299 ? VAL A 300 ? TYR A 299 VAL A 300 
# 
loop_
_pdbx_unobs_or_zero_occ_residues.id 
_pdbx_unobs_or_zero_occ_residues.PDB_model_num 
_pdbx_unobs_or_zero_occ_residues.polymer_flag 
_pdbx_unobs_or_zero_occ_residues.occupancy_flag 
_pdbx_unobs_or_zero_occ_residues.auth_asym_id 
_pdbx_unobs_or_zero_occ_residues.auth_comp_id 
_pdbx_unobs_or_zero_occ_residues.auth_seq_id 
_pdbx_unobs_or_zero_occ_residues.PDB_ins_code 
_pdbx_unobs_or_zero_occ_residues.label_asym_id 
_pdbx_unobs_or_zero_occ_residues.label_comp_id 
_pdbx_unobs_or_zero_occ_residues.label_seq_id 
1  1 Y 1 A SER 68  ? A SER 68  
2  1 Y 1 A ILE 69  ? A ILE 69  
3  1 Y 1 A ASN 70  ? A ASN 70  
4  1 Y 1 A PHE 71  ? A PHE 71  
5  1 Y 1 A PHE 72  ? A PHE 72  
6  1 Y 1 A GLY 73  ? A GLY 73  
7  1 Y 1 A GLY 74  ? A GLY 74  
8  1 Y 1 A SER 108 ? A SER 108 
9  1 Y 1 A TRP 109 ? A TRP 109 
10 1 Y 1 A PRO 110 ? A PRO 110 
11 1 Y 1 A ASN 111 ? A ASN 111 
12 1 Y 1 A VAL 112 ? A VAL 112 
13 1 Y 1 A LYS 113 ? A LYS 113 
14 1 Y 1 A ASN 114 ? A ASN 114 
15 1 Y 1 A ARG 115 ? A ARG 115 
16 1 Y 1 A PRO 116 ? A PRO 116 
17 1 Y 1 A TRP 117 ? A TRP 117 
18 1 Y 1 A ALA 118 ? A ALA 118 
19 1 Y 1 A TYR 119 ? A TYR 119 
20 1 Y 1 A LEU 120 ? A LEU 120 
21 1 Y 1 A TYR 121 ? A TYR 121 
22 1 Y 1 A THR 122 ? A THR 122 
# 
loop_
_chem_comp_atom.comp_id 
_chem_comp_atom.atom_id 
_chem_comp_atom.type_symbol 
_chem_comp_atom.pdbx_aromatic_flag 
_chem_comp_atom.pdbx_stereo_config 
_chem_comp_atom.pdbx_ordinal 
ALA N    N N N 1   
ALA CA   C N S 2   
ALA C    C N N 3   
ALA O    O N N 4   
ALA CB   C N N 5   
ALA OXT  O N N 6   
ALA H    H N N 7   
ALA H2   H N N 8   
ALA HA   H N N 9   
ALA HB1  H N N 10  
ALA HB2  H N N 11  
ALA HB3  H N N 12  
ALA HXT  H N N 13  
ARG N    N N N 14  
ARG CA   C N S 15  
ARG C    C N N 16  
ARG O    O N N 17  
ARG CB   C N N 18  
ARG CG   C N N 19  
ARG CD   C N N 20  
ARG NE   N N N 21  
ARG CZ   C N N 22  
ARG NH1  N N N 23  
ARG NH2  N N N 24  
ARG OXT  O N N 25  
ARG H    H N N 26  
ARG H2   H N N 27  
ARG HA   H N N 28  
ARG HB2  H N N 29  
ARG HB3  H N N 30  
ARG HG2  H N N 31  
ARG HG3  H N N 32  
ARG HD2  H N N 33  
ARG HD3  H N N 34  
ARG HE   H N N 35  
ARG HH11 H N N 36  
ARG HH12 H N N 37  
ARG HH21 H N N 38  
ARG HH22 H N N 39  
ARG HXT  H N N 40  
ASN N    N N N 41  
ASN CA   C N S 42  
ASN C    C N N 43  
ASN O    O N N 44  
ASN CB   C N N 45  
ASN CG   C N N 46  
ASN OD1  O N N 47  
ASN ND2  N N N 48  
ASN OXT  O N N 49  
ASN H    H N N 50  
ASN H2   H N N 51  
ASN HA   H N N 52  
ASN HB2  H N N 53  
ASN HB3  H N N 54  
ASN HD21 H N N 55  
ASN HD22 H N N 56  
ASN HXT  H N N 57  
ASP N    N N N 58  
ASP CA   C N S 59  
ASP C    C N N 60  
ASP O    O N N 61  
ASP CB   C N N 62  
ASP CG   C N N 63  
ASP OD1  O N N 64  
ASP OD2  O N N 65  
ASP OXT  O N N 66  
ASP H    H N N 67  
ASP H2   H N N 68  
ASP HA   H N N 69  
ASP HB2  H N N 70  
ASP HB3  H N N 71  
ASP HD2  H N N 72  
ASP HXT  H N N 73  
GLN N    N N N 74  
GLN CA   C N S 75  
GLN C    C N N 76  
GLN O    O N N 77  
GLN CB   C N N 78  
GLN CG   C N N 79  
GLN CD   C N N 80  
GLN OE1  O N N 81  
GLN NE2  N N N 82  
GLN OXT  O N N 83  
GLN H    H N N 84  
GLN H2   H N N 85  
GLN HA   H N N 86  
GLN HB2  H N N 87  
GLN HB3  H N N 88  
GLN HG2  H N N 89  
GLN HG3  H N N 90  
GLN HE21 H N N 91  
GLN HE22 H N N 92  
GLN HXT  H N N 93  
GLU N    N N N 94  
GLU CA   C N S 95  
GLU C    C N N 96  
GLU O    O N N 97  
GLU CB   C N N 98  
GLU CG   C N N 99  
GLU CD   C N N 100 
GLU OE1  O N N 101 
GLU OE2  O N N 102 
GLU OXT  O N N 103 
GLU H    H N N 104 
GLU H2   H N N 105 
GLU HA   H N N 106 
GLU HB2  H N N 107 
GLU HB3  H N N 108 
GLU HG2  H N N 109 
GLU HG3  H N N 110 
GLU HE2  H N N 111 
GLU HXT  H N N 112 
GLY N    N N N 113 
GLY CA   C N N 114 
GLY C    C N N 115 
GLY O    O N N 116 
GLY OXT  O N N 117 
GLY H    H N N 118 
GLY H2   H N N 119 
GLY HA2  H N N 120 
GLY HA3  H N N 121 
GLY HXT  H N N 122 
HIS N    N N N 123 
HIS CA   C N S 124 
HIS C    C N N 125 
HIS O    O N N 126 
HIS CB   C N N 127 
HIS CG   C Y N 128 
HIS ND1  N Y N 129 
HIS CD2  C Y N 130 
HIS CE1  C Y N 131 
HIS NE2  N Y N 132 
HIS OXT  O N N 133 
HIS H    H N N 134 
HIS H2   H N N 135 
HIS HA   H N N 136 
HIS HB2  H N N 137 
HIS HB3  H N N 138 
HIS HD1  H N N 139 
HIS HD2  H N N 140 
HIS HE1  H N N 141 
HIS HE2  H N N 142 
HIS HXT  H N N 143 
ILE N    N N N 144 
ILE CA   C N S 145 
ILE C    C N N 146 
ILE O    O N N 147 
ILE CB   C N S 148 
ILE CG1  C N N 149 
ILE CG2  C N N 150 
ILE CD1  C N N 151 
ILE OXT  O N N 152 
ILE H    H N N 153 
ILE H2   H N N 154 
ILE HA   H N N 155 
ILE HB   H N N 156 
ILE HG12 H N N 157 
ILE HG13 H N N 158 
ILE HG21 H N N 159 
ILE HG22 H N N 160 
ILE HG23 H N N 161 
ILE HD11 H N N 162 
ILE HD12 H N N 163 
ILE HD13 H N N 164 
ILE HXT  H N N 165 
LEU N    N N N 166 
LEU CA   C N S 167 
LEU C    C N N 168 
LEU O    O N N 169 
LEU CB   C N N 170 
LEU CG   C N N 171 
LEU CD1  C N N 172 
LEU CD2  C N N 173 
LEU OXT  O N N 174 
LEU H    H N N 175 
LEU H2   H N N 176 
LEU HA   H N N 177 
LEU HB2  H N N 178 
LEU HB3  H N N 179 
LEU HG   H N N 180 
LEU HD11 H N N 181 
LEU HD12 H N N 182 
LEU HD13 H N N 183 
LEU HD21 H N N 184 
LEU HD22 H N N 185 
LEU HD23 H N N 186 
LEU HXT  H N N 187 
LYS N    N N N 188 
LYS CA   C N S 189 
LYS C    C N N 190 
LYS O    O N N 191 
LYS CB   C N N 192 
LYS CG   C N N 193 
LYS CD   C N N 194 
LYS CE   C N N 195 
LYS NZ   N N N 196 
LYS OXT  O N N 197 
LYS H    H N N 198 
LYS H2   H N N 199 
LYS HA   H N N 200 
LYS HB2  H N N 201 
LYS HB3  H N N 202 
LYS HG2  H N N 203 
LYS HG3  H N N 204 
LYS HD2  H N N 205 
LYS HD3  H N N 206 
LYS HE2  H N N 207 
LYS HE3  H N N 208 
LYS HZ1  H N N 209 
LYS HZ2  H N N 210 
LYS HZ3  H N N 211 
LYS HXT  H N N 212 
MET N    N N N 213 
MET CA   C N S 214 
MET C    C N N 215 
MET O    O N N 216 
MET CB   C N N 217 
MET CG   C N N 218 
MET SD   S N N 219 
MET CE   C N N 220 
MET OXT  O N N 221 
MET H    H N N 222 
MET H2   H N N 223 
MET HA   H N N 224 
MET HB2  H N N 225 
MET HB3  H N N 226 
MET HG2  H N N 227 
MET HG3  H N N 228 
MET HE1  H N N 229 
MET HE2  H N N 230 
MET HE3  H N N 231 
MET HXT  H N N 232 
PHE N    N N N 233 
PHE CA   C N S 234 
PHE C    C N N 235 
PHE O    O N N 236 
PHE CB   C N N 237 
PHE CG   C Y N 238 
PHE CD1  C Y N 239 
PHE CD2  C Y N 240 
PHE CE1  C Y N 241 
PHE CE2  C Y N 242 
PHE CZ   C Y N 243 
PHE OXT  O N N 244 
PHE H    H N N 245 
PHE H2   H N N 246 
PHE HA   H N N 247 
PHE HB2  H N N 248 
PHE HB3  H N N 249 
PHE HD1  H N N 250 
PHE HD2  H N N 251 
PHE HE1  H N N 252 
PHE HE2  H N N 253 
PHE HZ   H N N 254 
PHE HXT  H N N 255 
PRO N    N N N 256 
PRO CA   C N S 257 
PRO C    C N N 258 
PRO O    O N N 259 
PRO CB   C N N 260 
PRO CG   C N N 261 
PRO CD   C N N 262 
PRO OXT  O N N 263 
PRO H    H N N 264 
PRO HA   H N N 265 
PRO HB2  H N N 266 
PRO HB3  H N N 267 
PRO HG2  H N N 268 
PRO HG3  H N N 269 
PRO HD2  H N N 270 
PRO HD3  H N N 271 
PRO HXT  H N N 272 
SER N    N N N 273 
SER CA   C N S 274 
SER C    C N N 275 
SER O    O N N 276 
SER CB   C N N 277 
SER OG   O N N 278 
SER OXT  O N N 279 
SER H    H N N 280 
SER H2   H N N 281 
SER HA   H N N 282 
SER HB2  H N N 283 
SER HB3  H N N 284 
SER HG   H N N 285 
SER HXT  H N N 286 
THR N    N N N 287 
THR CA   C N S 288 
THR C    C N N 289 
THR O    O N N 290 
THR CB   C N R 291 
THR OG1  O N N 292 
THR CG2  C N N 293 
THR OXT  O N N 294 
THR H    H N N 295 
THR H2   H N N 296 
THR HA   H N N 297 
THR HB   H N N 298 
THR HG1  H N N 299 
THR HG21 H N N 300 
THR HG22 H N N 301 
THR HG23 H N N 302 
THR HXT  H N N 303 
TRP N    N N N 304 
TRP CA   C N S 305 
TRP C    C N N 306 
TRP O    O N N 307 
TRP CB   C N N 308 
TRP CG   C Y N 309 
TRP CD1  C Y N 310 
TRP CD2  C Y N 311 
TRP NE1  N Y N 312 
TRP CE2  C Y N 313 
TRP CE3  C Y N 314 
TRP CZ2  C Y N 315 
TRP CZ3  C Y N 316 
TRP CH2  C Y N 317 
TRP OXT  O N N 318 
TRP H    H N N 319 
TRP H2   H N N 320 
TRP HA   H N N 321 
TRP HB2  H N N 322 
TRP HB3  H N N 323 
TRP HD1  H N N 324 
TRP HE1  H N N 325 
TRP HE3  H N N 326 
TRP HZ2  H N N 327 
TRP HZ3  H N N 328 
TRP HH2  H N N 329 
TRP HXT  H N N 330 
TYR N    N N N 331 
TYR CA   C N S 332 
TYR C    C N N 333 
TYR O    O N N 334 
TYR CB   C N N 335 
TYR CG   C Y N 336 
TYR CD1  C Y N 337 
TYR CD2  C Y N 338 
TYR CE1  C Y N 339 
TYR CE2  C Y N 340 
TYR CZ   C Y N 341 
TYR OH   O N N 342 
TYR OXT  O N N 343 
TYR H    H N N 344 
TYR H2   H N N 345 
TYR HA   H N N 346 
TYR HB2  H N N 347 
TYR HB3  H N N 348 
TYR HD1  H N N 349 
TYR HD2  H N N 350 
TYR HE1  H N N 351 
TYR HE2  H N N 352 
TYR HH   H N N 353 
TYR HXT  H N N 354 
VAL N    N N N 355 
VAL CA   C N S 356 
VAL C    C N N 357 
VAL O    O N N 358 
VAL CB   C N N 359 
VAL CG1  C N N 360 
VAL CG2  C N N 361 
VAL OXT  O N N 362 
VAL H    H N N 363 
VAL H2   H N N 364 
VAL HA   H N N 365 
VAL HB   H N N 366 
VAL HG11 H N N 367 
VAL HG12 H N N 368 
VAL HG13 H N N 369 
VAL HG21 H N N 370 
VAL HG22 H N N 371 
VAL HG23 H N N 372 
VAL HXT  H N N 373 
# 
loop_
_chem_comp_bond.comp_id 
_chem_comp_bond.atom_id_1 
_chem_comp_bond.atom_id_2 
_chem_comp_bond.value_order 
_chem_comp_bond.pdbx_aromatic_flag 
_chem_comp_bond.pdbx_stereo_config 
_chem_comp_bond.pdbx_ordinal 
ALA N   CA   sing N N 1   
ALA N   H    sing N N 2   
ALA N   H2   sing N N 3   
ALA CA  C    sing N N 4   
ALA CA  CB   sing N N 5   
ALA CA  HA   sing N N 6   
ALA C   O    doub N N 7   
ALA C   OXT  sing N N 8   
ALA CB  HB1  sing N N 9   
ALA CB  HB2  sing N N 10  
ALA CB  HB3  sing N N 11  
ALA OXT HXT  sing N N 12  
ARG N   CA   sing N N 13  
ARG N   H    sing N N 14  
ARG N   H2   sing N N 15  
ARG CA  C    sing N N 16  
ARG CA  CB   sing N N 17  
ARG CA  HA   sing N N 18  
ARG C   O    doub N N 19  
ARG C   OXT  sing N N 20  
ARG CB  CG   sing N N 21  
ARG CB  HB2  sing N N 22  
ARG CB  HB3  sing N N 23  
ARG CG  CD   sing N N 24  
ARG CG  HG2  sing N N 25  
ARG CG  HG3  sing N N 26  
ARG CD  NE   sing N N 27  
ARG CD  HD2  sing N N 28  
ARG CD  HD3  sing N N 29  
ARG NE  CZ   sing N N 30  
ARG NE  HE   sing N N 31  
ARG CZ  NH1  sing N N 32  
ARG CZ  NH2  doub N N 33  
ARG NH1 HH11 sing N N 34  
ARG NH1 HH12 sing N N 35  
ARG NH2 HH21 sing N N 36  
ARG NH2 HH22 sing N N 37  
ARG OXT HXT  sing N N 38  
ASN N   CA   sing N N 39  
ASN N   H    sing N N 40  
ASN N   H2   sing N N 41  
ASN CA  C    sing N N 42  
ASN CA  CB   sing N N 43  
ASN CA  HA   sing N N 44  
ASN C   O    doub N N 45  
ASN C   OXT  sing N N 46  
ASN CB  CG   sing N N 47  
ASN CB  HB2  sing N N 48  
ASN CB  HB3  sing N N 49  
ASN CG  OD1  doub N N 50  
ASN CG  ND2  sing N N 51  
ASN ND2 HD21 sing N N 52  
ASN ND2 HD22 sing N N 53  
ASN OXT HXT  sing N N 54  
ASP N   CA   sing N N 55  
ASP N   H    sing N N 56  
ASP N   H2   sing N N 57  
ASP CA  C    sing N N 58  
ASP CA  CB   sing N N 59  
ASP CA  HA   sing N N 60  
ASP C   O    doub N N 61  
ASP C   OXT  sing N N 62  
ASP CB  CG   sing N N 63  
ASP CB  HB2  sing N N 64  
ASP CB  HB3  sing N N 65  
ASP CG  OD1  doub N N 66  
ASP CG  OD2  sing N N 67  
ASP OD2 HD2  sing N N 68  
ASP OXT HXT  sing N N 69  
GLN N   CA   sing N N 70  
GLN N   H    sing N N 71  
GLN N   H2   sing N N 72  
GLN CA  C    sing N N 73  
GLN CA  CB   sing N N 74  
GLN CA  HA   sing N N 75  
GLN C   O    doub N N 76  
GLN C   OXT  sing N N 77  
GLN CB  CG   sing N N 78  
GLN CB  HB2  sing N N 79  
GLN CB  HB3  sing N N 80  
GLN CG  CD   sing N N 81  
GLN CG  HG2  sing N N 82  
GLN CG  HG3  sing N N 83  
GLN CD  OE1  doub N N 84  
GLN CD  NE2  sing N N 85  
GLN NE2 HE21 sing N N 86  
GLN NE2 HE22 sing N N 87  
GLN OXT HXT  sing N N 88  
GLU N   CA   sing N N 89  
GLU N   H    sing N N 90  
GLU N   H2   sing N N 91  
GLU CA  C    sing N N 92  
GLU CA  CB   sing N N 93  
GLU CA  HA   sing N N 94  
GLU C   O    doub N N 95  
GLU C   OXT  sing N N 96  
GLU CB  CG   sing N N 97  
GLU CB  HB2  sing N N 98  
GLU CB  HB3  sing N N 99  
GLU CG  CD   sing N N 100 
GLU CG  HG2  sing N N 101 
GLU CG  HG3  sing N N 102 
GLU CD  OE1  doub N N 103 
GLU CD  OE2  sing N N 104 
GLU OE2 HE2  sing N N 105 
GLU OXT HXT  sing N N 106 
GLY N   CA   sing N N 107 
GLY N   H    sing N N 108 
GLY N   H2   sing N N 109 
GLY CA  C    sing N N 110 
GLY CA  HA2  sing N N 111 
GLY CA  HA3  sing N N 112 
GLY C   O    doub N N 113 
GLY C   OXT  sing N N 114 
GLY OXT HXT  sing N N 115 
HIS N   CA   sing N N 116 
HIS N   H    sing N N 117 
HIS N   H2   sing N N 118 
HIS CA  C    sing N N 119 
HIS CA  CB   sing N N 120 
HIS CA  HA   sing N N 121 
HIS C   O    doub N N 122 
HIS C   OXT  sing N N 123 
HIS CB  CG   sing N N 124 
HIS CB  HB2  sing N N 125 
HIS CB  HB3  sing N N 126 
HIS CG  ND1  sing Y N 127 
HIS CG  CD2  doub Y N 128 
HIS ND1 CE1  doub Y N 129 
HIS ND1 HD1  sing N N 130 
HIS CD2 NE2  sing Y N 131 
HIS CD2 HD2  sing N N 132 
HIS CE1 NE2  sing Y N 133 
HIS CE1 HE1  sing N N 134 
HIS NE2 HE2  sing N N 135 
HIS OXT HXT  sing N N 136 
ILE N   CA   sing N N 137 
ILE N   H    sing N N 138 
ILE N   H2   sing N N 139 
ILE CA  C    sing N N 140 
ILE CA  CB   sing N N 141 
ILE CA  HA   sing N N 142 
ILE C   O    doub N N 143 
ILE C   OXT  sing N N 144 
ILE CB  CG1  sing N N 145 
ILE CB  CG2  sing N N 146 
ILE CB  HB   sing N N 147 
ILE CG1 CD1  sing N N 148 
ILE CG1 HG12 sing N N 149 
ILE CG1 HG13 sing N N 150 
ILE CG2 HG21 sing N N 151 
ILE CG2 HG22 sing N N 152 
ILE CG2 HG23 sing N N 153 
ILE CD1 HD11 sing N N 154 
ILE CD1 HD12 sing N N 155 
ILE CD1 HD13 sing N N 156 
ILE OXT HXT  sing N N 157 
LEU N   CA   sing N N 158 
LEU N   H    sing N N 159 
LEU N   H2   sing N N 160 
LEU CA  C    sing N N 161 
LEU CA  CB   sing N N 162 
LEU CA  HA   sing N N 163 
LEU C   O    doub N N 164 
LEU C   OXT  sing N N 165 
LEU CB  CG   sing N N 166 
LEU CB  HB2  sing N N 167 
LEU CB  HB3  sing N N 168 
LEU CG  CD1  sing N N 169 
LEU CG  CD2  sing N N 170 
LEU CG  HG   sing N N 171 
LEU CD1 HD11 sing N N 172 
LEU CD1 HD12 sing N N 173 
LEU CD1 HD13 sing N N 174 
LEU CD2 HD21 sing N N 175 
LEU CD2 HD22 sing N N 176 
LEU CD2 HD23 sing N N 177 
LEU OXT HXT  sing N N 178 
LYS N   CA   sing N N 179 
LYS N   H    sing N N 180 
LYS N   H2   sing N N 181 
LYS CA  C    sing N N 182 
LYS CA  CB   sing N N 183 
LYS CA  HA   sing N N 184 
LYS C   O    doub N N 185 
LYS C   OXT  sing N N 186 
LYS CB  CG   sing N N 187 
LYS CB  HB2  sing N N 188 
LYS CB  HB3  sing N N 189 
LYS CG  CD   sing N N 190 
LYS CG  HG2  sing N N 191 
LYS CG  HG3  sing N N 192 
LYS CD  CE   sing N N 193 
LYS CD  HD2  sing N N 194 
LYS CD  HD3  sing N N 195 
LYS CE  NZ   sing N N 196 
LYS CE  HE2  sing N N 197 
LYS CE  HE3  sing N N 198 
LYS NZ  HZ1  sing N N 199 
LYS NZ  HZ2  sing N N 200 
LYS NZ  HZ3  sing N N 201 
LYS OXT HXT  sing N N 202 
MET N   CA   sing N N 203 
MET N   H    sing N N 204 
MET N   H2   sing N N 205 
MET CA  C    sing N N 206 
MET CA  CB   sing N N 207 
MET CA  HA   sing N N 208 
MET C   O    doub N N 209 
MET C   OXT  sing N N 210 
MET CB  CG   sing N N 211 
MET CB  HB2  sing N N 212 
MET CB  HB3  sing N N 213 
MET CG  SD   sing N N 214 
MET CG  HG2  sing N N 215 
MET CG  HG3  sing N N 216 
MET SD  CE   sing N N 217 
MET CE  HE1  sing N N 218 
MET CE  HE2  sing N N 219 
MET CE  HE3  sing N N 220 
MET OXT HXT  sing N N 221 
PHE N   CA   sing N N 222 
PHE N   H    sing N N 223 
PHE N   H2   sing N N 224 
PHE CA  C    sing N N 225 
PHE CA  CB   sing N N 226 
PHE CA  HA   sing N N 227 
PHE C   O    doub N N 228 
PHE C   OXT  sing N N 229 
PHE CB  CG   sing N N 230 
PHE CB  HB2  sing N N 231 
PHE CB  HB3  sing N N 232 
PHE CG  CD1  doub Y N 233 
PHE CG  CD2  sing Y N 234 
PHE CD1 CE1  sing Y N 235 
PHE CD1 HD1  sing N N 236 
PHE CD2 CE2  doub Y N 237 
PHE CD2 HD2  sing N N 238 
PHE CE1 CZ   doub Y N 239 
PHE CE1 HE1  sing N N 240 
PHE CE2 CZ   sing Y N 241 
PHE CE2 HE2  sing N N 242 
PHE CZ  HZ   sing N N 243 
PHE OXT HXT  sing N N 244 
PRO N   CA   sing N N 245 
PRO N   CD   sing N N 246 
PRO N   H    sing N N 247 
PRO CA  C    sing N N 248 
PRO CA  CB   sing N N 249 
PRO CA  HA   sing N N 250 
PRO C   O    doub N N 251 
PRO C   OXT  sing N N 252 
PRO CB  CG   sing N N 253 
PRO CB  HB2  sing N N 254 
PRO CB  HB3  sing N N 255 
PRO CG  CD   sing N N 256 
PRO CG  HG2  sing N N 257 
PRO CG  HG3  sing N N 258 
PRO CD  HD2  sing N N 259 
PRO CD  HD3  sing N N 260 
PRO OXT HXT  sing N N 261 
SER N   CA   sing N N 262 
SER N   H    sing N N 263 
SER N   H2   sing N N 264 
SER CA  C    sing N N 265 
SER CA  CB   sing N N 266 
SER CA  HA   sing N N 267 
SER C   O    doub N N 268 
SER C   OXT  sing N N 269 
SER CB  OG   sing N N 270 
SER CB  HB2  sing N N 271 
SER CB  HB3  sing N N 272 
SER OG  HG   sing N N 273 
SER OXT HXT  sing N N 274 
THR N   CA   sing N N 275 
THR N   H    sing N N 276 
THR N   H2   sing N N 277 
THR CA  C    sing N N 278 
THR CA  CB   sing N N 279 
THR CA  HA   sing N N 280 
THR C   O    doub N N 281 
THR C   OXT  sing N N 282 
THR CB  OG1  sing N N 283 
THR CB  CG2  sing N N 284 
THR CB  HB   sing N N 285 
THR OG1 HG1  sing N N 286 
THR CG2 HG21 sing N N 287 
THR CG2 HG22 sing N N 288 
THR CG2 HG23 sing N N 289 
THR OXT HXT  sing N N 290 
TRP N   CA   sing N N 291 
TRP N   H    sing N N 292 
TRP N   H2   sing N N 293 
TRP CA  C    sing N N 294 
TRP CA  CB   sing N N 295 
TRP CA  HA   sing N N 296 
TRP C   O    doub N N 297 
TRP C   OXT  sing N N 298 
TRP CB  CG   sing N N 299 
TRP CB  HB2  sing N N 300 
TRP CB  HB3  sing N N 301 
TRP CG  CD1  doub Y N 302 
TRP CG  CD2  sing Y N 303 
TRP CD1 NE1  sing Y N 304 
TRP CD1 HD1  sing N N 305 
TRP CD2 CE2  doub Y N 306 
TRP CD2 CE3  sing Y N 307 
TRP NE1 CE2  sing Y N 308 
TRP NE1 HE1  sing N N 309 
TRP CE2 CZ2  sing Y N 310 
TRP CE3 CZ3  doub Y N 311 
TRP CE3 HE3  sing N N 312 
TRP CZ2 CH2  doub Y N 313 
TRP CZ2 HZ2  sing N N 314 
TRP CZ3 CH2  sing Y N 315 
TRP CZ3 HZ3  sing N N 316 
TRP CH2 HH2  sing N N 317 
TRP OXT HXT  sing N N 318 
TYR N   CA   sing N N 319 
TYR N   H    sing N N 320 
TYR N   H2   sing N N 321 
TYR CA  C    sing N N 322 
TYR CA  CB   sing N N 323 
TYR CA  HA   sing N N 324 
TYR C   O    doub N N 325 
TYR C   OXT  sing N N 326 
TYR CB  CG   sing N N 327 
TYR CB  HB2  sing N N 328 
TYR CB  HB3  sing N N 329 
TYR CG  CD1  doub Y N 330 
TYR CG  CD2  sing Y N 331 
TYR CD1 CE1  sing Y N 332 
TYR CD1 HD1  sing N N 333 
TYR CD2 CE2  doub Y N 334 
TYR CD2 HD2  sing N N 335 
TYR CE1 CZ   doub Y N 336 
TYR CE1 HE1  sing N N 337 
TYR CE2 CZ   sing Y N 338 
TYR CE2 HE2  sing N N 339 
TYR CZ  OH   sing N N 340 
TYR OH  HH   sing N N 341 
TYR OXT HXT  sing N N 342 
VAL N   CA   sing N N 343 
VAL N   H    sing N N 344 
VAL N   H2   sing N N 345 
VAL CA  C    sing N N 346 
VAL CA  CB   sing N N 347 
VAL CA  HA   sing N N 348 
VAL C   O    doub N N 349 
VAL C   OXT  sing N N 350 
VAL CB  CG1  sing N N 351 
VAL CB  CG2  sing N N 352 
VAL CB  HB   sing N N 353 
VAL CG1 HG11 sing N N 354 
VAL CG1 HG12 sing N N 355 
VAL CG1 HG13 sing N N 356 
VAL CG2 HG21 sing N N 357 
VAL CG2 HG22 sing N N 358 
VAL CG2 HG23 sing N N 359 
VAL OXT HXT  sing N N 360 
# 
_pdbx_coordinate_model.asym_id   A 
_pdbx_coordinate_model.type      'CA ATOMS ONLY' 
# 
_atom_sites.entry_id                    1BGT 
_atom_sites.fract_transf_matrix[1][1]   0.00194570 
_atom_sites.fract_transf_matrix[1][2]   -0.00578375 
_atom_sites.fract_transf_matrix[1][3]   -0.00235524 
_atom_sites.fract_transf_matrix[2][1]   -0.00703254 
_atom_sites.fract_transf_matrix[2][2]   0.00463288 
_atom_sites.fract_transf_matrix[2][3]   -0.01718666 
_atom_sites.fract_transf_matrix[3][1]   0.01642190 
_atom_sites.fract_transf_matrix[3][2]   0.00744370 
_atom_sites.fract_transf_matrix[3][3]   -0.00471307 
_atom_sites.fract_transf_vector[1]      0.132222 
_atom_sites.fract_transf_vector[2]      -0.144141 
_atom_sites.fract_transf_vector[3]      0.185352 
# 
_atom_type.symbol   C 
# 
loop_
_atom_site.group_PDB 
_atom_site.id 
_atom_site.type_symbol 
_atom_site.label_atom_id 
_atom_site.label_alt_id 
_atom_site.label_comp_id 
_atom_site.label_asym_id 
_atom_site.label_entity_id 
_atom_site.label_seq_id 
_atom_site.pdbx_PDB_ins_code 
_atom_site.Cartn_x 
_atom_site.Cartn_y 
_atom_site.Cartn_z 
_atom_site.occupancy 
_atom_site.B_iso_or_equiv 
_atom_site.pdbx_formal_charge 
_atom_site.auth_seq_id 
_atom_site.auth_comp_id 
_atom_site.auth_asym_id 
_atom_site.auth_atom_id 
_atom_site.pdbx_PDB_model_num 
ATOM 1   C CA . MET A 1 1   ? -27.615 3.616   0.060   1.00 32.54 ? 1   MET A CA 1 
ATOM 2   C CA . LYS A 1 2   ? -25.612 5.560   2.615   1.00 27.85 ? 2   LYS A CA 1 
ATOM 3   C CA . ILE A 1 3   ? -22.019 4.456   3.189   1.00 22.61 ? 3   ILE A CA 1 
ATOM 4   C CA . ALA A 1 4   ? -19.794 5.492   6.092   1.00 20.76 ? 4   ALA A CA 1 
ATOM 5   C CA . ILE A 1 5   ? -16.067 4.890   6.385   1.00 21.27 ? 5   ILE A CA 1 
ATOM 6   C CA . ILE A 1 6   ? -14.289 4.642   9.717   1.00 23.35 ? 6   ILE A CA 1 
ATOM 7   C CA . ASN A 1 7   ? -10.563 4.589   10.440  1.00 26.42 ? 7   ASN A CA 1 
ATOM 8   C CA . MET A 1 8   ? -10.310 2.127   13.317  1.00 30.90 ? 8   MET A CA 1 
ATOM 9   C CA . GLY A 1 9   ? -6.914  3.301   14.586  1.00 33.33 ? 9   GLY A CA 1 
ATOM 10  C CA . ASN A 1 10  ? -6.287  6.902   13.603  1.00 34.92 ? 10  ASN A CA 1 
ATOM 11  C CA . ASN A 1 11  ? -7.961  10.268  13.720  1.00 35.66 ? 11  ASN A CA 1 
ATOM 12  C CA . VAL A 1 12  ? -9.051  11.785  10.401  1.00 36.64 ? 12  VAL A CA 1 
ATOM 13  C CA . ILE A 1 13  ? -9.200  15.552  9.727   1.00 40.28 ? 13  ILE A CA 1 
ATOM 14  C CA . ASN A 1 14  ? -6.566  16.562  7.189   1.00 42.42 ? 14  ASN A CA 1 
ATOM 15  C CA . PHE A 1 15  ? -3.673  15.516  4.964   1.00 43.38 ? 15  PHE A CA 1 
ATOM 16  C CA . LYS A 1 16  ? -1.154  16.411  7.668   1.00 45.78 ? 16  LYS A CA 1 
ATOM 17  C CA . THR A 1 17  ? -0.865  12.764  8.737   1.00 46.09 ? 17  THR A CA 1 
ATOM 18  C CA . VAL A 1 18  ? -0.178  9.758   6.564   1.00 44.00 ? 18  VAL A CA 1 
ATOM 19  C CA . PRO A 1 19  ? -3.056  7.694   7.976   1.00 41.54 ? 19  PRO A CA 1 
ATOM 20  C CA . SER A 1 20  ? -5.540  10.603  7.674   1.00 39.12 ? 20  SER A CA 1 
ATOM 21  C CA . SER A 1 21  ? -4.539  11.298  4.034   1.00 36.85 ? 21  SER A CA 1 
ATOM 22  C CA . GLU A 1 22  ? -4.910  7.707   2.736   1.00 33.10 ? 22  GLU A CA 1 
ATOM 23  C CA . THR A 1 23  ? -8.311  7.577   4.388   1.00 29.14 ? 23  THR A CA 1 
ATOM 24  C CA . ILE A 1 24  ? -9.343  10.793  2.618   1.00 25.40 ? 24  ILE A CA 1 
ATOM 25  C CA . TYR A 1 25  ? -8.055  9.402   -0.738  1.00 26.14 ? 25  TYR A CA 1 
ATOM 26  C CA . LEU A 1 26  ? -10.022 6.186   -0.363  1.00 24.40 ? 26  LEU A CA 1 
ATOM 27  C CA . PHE A 1 27  ? -13.106 8.289   0.519   1.00 21.60 ? 27  PHE A CA 1 
ATOM 28  C CA . LYS A 1 28  ? -12.505 10.397  -2.600  1.00 21.25 ? 28  LYS A CA 1 
ATOM 29  C CA . VAL A 1 29  ? -12.300 7.396   -4.965  1.00 20.03 ? 29  VAL A CA 1 
ATOM 30  C CA . ILE A 1 30  ? -15.366 5.707   -3.398  1.00 19.51 ? 30  ILE A CA 1 
ATOM 31  C CA . SER A 1 31  ? -17.365 8.975   -3.627  1.00 19.93 ? 31  SER A CA 1 
ATOM 32  C CA . GLU A 1 32  ? -16.250 9.239   -7.227  1.00 21.54 ? 32  GLU A CA 1 
ATOM 33  C CA . MET A 1 33  ? -17.796 5.812   -7.835  1.00 21.32 ? 33  MET A CA 1 
ATOM 34  C CA . GLY A 1 34  ? -21.074 7.715   -7.547  1.00 20.20 ? 34  GLY A CA 1 
ATOM 35  C CA . LEU A 1 35  ? -21.777 6.702   -3.964  1.00 19.57 ? 35  LEU A CA 1 
ATOM 36  C CA . ASN A 1 36  ? -23.191 8.739   -1.105  1.00 19.78 ? 36  ASN A CA 1 
ATOM 37  C CA . VAL A 1 37  ? -20.328 8.424   1.451   1.00 18.51 ? 37  VAL A CA 1 
ATOM 38  C CA . ASP A 1 38  ? -19.273 10.019  4.762   1.00 17.59 ? 38  ASP A CA 1 
ATOM 39  C CA . ILE A 1 39  ? -16.171 9.533   6.937   1.00 17.28 ? 39  ILE A CA 1 
ATOM 40  C CA . ILE A 1 40  ? -16.963 9.283   10.646  1.00 20.47 ? 40  ILE A CA 1 
ATOM 41  C CA . SER A 1 41  ? -14.312 10.485  13.057  1.00 22.97 ? 41  SER A CA 1 
ATOM 42  C CA . LEU A 1 42  ? -13.748 12.447  16.246  1.00 26.20 ? 42  LEU A CA 1 
ATOM 43  C CA . LYS A 1 43  ? -14.637 15.882  14.890  1.00 28.74 ? 43  LYS A CA 1 
ATOM 44  C CA . ASN A 1 44  ? -16.769 17.551  12.227  1.00 27.67 ? 44  ASN A CA 1 
ATOM 45  C CA . GLY A 1 45  ? -14.759 19.214  9.506   1.00 25.26 ? 45  GLY A CA 1 
ATOM 46  C CA . VAL A 1 46  ? -14.431 19.692  5.799   1.00 23.88 ? 46  VAL A CA 1 
ATOM 47  C CA . TYR A 1 47  ? -13.944 15.883  5.377   1.00 24.22 ? 47  TYR A CA 1 
ATOM 48  C CA . THR A 1 48  ? -15.435 14.219  8.450   1.00 23.09 ? 48  THR A CA 1 
ATOM 49  C CA . LYS A 1 49  ? -18.462 13.951  10.711  1.00 22.66 ? 49  LYS A CA 1 
ATOM 50  C CA . SER A 1 50  ? -18.107 13.339  14.450  1.00 25.07 ? 50  SER A CA 1 
ATOM 51  C CA . PHE A 1 51  ? -19.263 10.101  16.027  1.00 28.33 ? 51  PHE A CA 1 
ATOM 52  C CA . ASP A 1 52  ? -21.767 12.000  18.182  1.00 33.61 ? 52  ASP A CA 1 
ATOM 53  C CA . GLU A 1 53  ? -23.341 13.869  15.261  1.00 34.82 ? 53  GLU A CA 1 
ATOM 54  C CA . VAL A 1 54  ? -24.435 10.799  13.272  1.00 34.34 ? 54  VAL A CA 1 
ATOM 55  C CA . ASP A 1 55  ? -26.660 7.803   14.000  1.00 36.20 ? 55  ASP A CA 1 
ATOM 56  C CA . VAL A 1 56  ? -24.677 4.556   13.581  1.00 35.96 ? 56  VAL A CA 1 
ATOM 57  C CA . ASN A 1 57  ? -27.606 2.745   12.052  1.00 36.03 ? 57  ASN A CA 1 
ATOM 58  C CA . ASP A 1 58  ? -28.220 5.549   9.552   1.00 33.42 ? 58  ASP A CA 1 
ATOM 59  C CA . TYR A 1 59  ? -25.733 3.914   7.210   1.00 26.12 ? 59  TYR A CA 1 
ATOM 60  C CA . ASP A 1 60  ? -26.366 0.881   5.087   1.00 23.31 ? 60  ASP A CA 1 
ATOM 61  C CA . ARG A 1 61  ? -22.777 -0.274  4.672   1.00 20.44 ? 61  ARG A CA 1 
ATOM 62  C CA . LEU A 1 62  ? -19.932 0.311   7.024   1.00 20.72 ? 62  LEU A CA 1 
ATOM 63  C CA . ILE A 1 63  ? -16.368 0.231   5.676   1.00 20.06 ? 63  ILE A CA 1 
ATOM 64  C CA . VAL A 1 64  ? -13.506 0.005   8.176   1.00 21.50 ? 64  VAL A CA 1 
ATOM 65  C CA . VAL A 1 65  ? -9.823  0.734   7.487   1.00 26.72 ? 65  VAL A CA 1 
ATOM 66  C CA . ASN A 1 66  ? -6.912  0.620   9.876   1.00 34.57 ? 66  ASN A CA 1 
ATOM 67  C CA . SER A 1 67  ? -3.351  1.842   10.338  1.00 41.47 ? 67  SER A CA 1 
ATOM 68  C CA . LYS A 1 75  ? -1.869  1.523   22.996  1.00 61.29 ? 75  LYS A CA 1 
ATOM 69  C CA . PRO A 1 76  ? -5.606  2.481   23.130  1.00 59.52 ? 76  PRO A CA 1 
ATOM 70  C CA . ASN A 1 77  ? -6.647  6.069   22.437  1.00 55.11 ? 77  ASN A CA 1 
ATOM 71  C CA . LEU A 1 78  ? -9.658  8.193   21.494  1.00 49.06 ? 78  LEU A CA 1 
ATOM 72  C CA . ALA A 1 79  ? -10.026 7.270   17.825  1.00 43.77 ? 79  ALA A CA 1 
ATOM 73  C CA . ILE A 1 80  ? -9.720  3.591   18.762  1.00 39.84 ? 80  ILE A CA 1 
ATOM 74  C CA . LEU A 1 81  ? -12.132 3.465   21.725  1.00 35.98 ? 81  LEU A CA 1 
ATOM 75  C CA . SER A 1 82  ? -14.630 5.659   19.916  1.00 34.12 ? 82  SER A CA 1 
ATOM 76  C CA . ALA A 1 83  ? -14.540 3.589   16.737  1.00 33.05 ? 83  ALA A CA 1 
ATOM 77  C CA . GLN A 1 84  ? -15.154 0.404   18.745  1.00 34.55 ? 84  GLN A CA 1 
ATOM 78  C CA . LYS A 1 85  ? -18.014 1.875   20.705  1.00 34.53 ? 85  LYS A CA 1 
ATOM 79  C CA . PHE A 1 86  ? -19.553 3.036   17.421  1.00 33.36 ? 86  PHE A CA 1 
ATOM 80  C CA . MET A 1 87  ? -19.171 -0.305  15.685  1.00 32.95 ? 87  MET A CA 1 
ATOM 81  C CA . ALA A 1 88  ? -20.513 -2.128  18.755  1.00 31.79 ? 88  ALA A CA 1 
ATOM 82  C CA . LYS A 1 89  ? -23.859 -0.365  18.247  1.00 29.83 ? 89  LYS A CA 1 
ATOM 83  C CA . TYR A 1 90  ? -23.867 -0.977  14.487  1.00 26.26 ? 90  TYR A CA 1 
ATOM 84  C CA . LYS A 1 91  ? -26.415 -3.657  13.630  1.00 26.31 ? 91  LYS A CA 1 
ATOM 85  C CA . SER A 1 92  ? -25.255 -4.907  10.247  1.00 22.84 ? 92  SER A CA 1 
ATOM 86  C CA . LYS A 1 93  ? -22.230 -6.406  8.514   1.00 19.05 ? 93  LYS A CA 1 
ATOM 87  C CA . ILE A 1 94  ? -18.926 -4.540  8.742   1.00 18.15 ? 94  ILE A CA 1 
ATOM 88  C CA . TYR A 1 95  ? -16.664 -4.450  5.686   1.00 16.50 ? 95  TYR A CA 1 
ATOM 89  C CA . TYR A 1 96  ? -13.017 -4.549  6.722   1.00 17.44 ? 96  TYR A CA 1 
ATOM 90  C CA . LEU A 1 97  ? -10.343 -3.488  4.263   1.00 18.44 ? 97  LEU A CA 1 
ATOM 91  C CA . PHE A 1 98  ? -7.383  -5.802  4.910   1.00 19.99 ? 98  PHE A CA 1 
ATOM 92  C CA . THR A 1 99  ? -4.464  -3.806  3.477   1.00 24.28 ? 99  THR A CA 1 
ATOM 93  C CA . ASP A 1 100 ? -1.658  -4.678  5.886   1.00 29.84 ? 100 ASP A CA 1 
ATOM 94  C CA . ILE A 1 101 ? -0.779  -8.205  7.071   1.00 33.76 ? 101 ILE A CA 1 
ATOM 95  C CA . ARG A 1 102 ? 0.175   -6.896  10.498  1.00 38.40 ? 102 ARG A CA 1 
ATOM 96  C CA . LEU A 1 103 ? -3.215  -5.198  10.916  1.00 36.32 ? 103 LEU A CA 1 
ATOM 97  C CA . PRO A 1 104 ? -6.031  -7.803  10.810  1.00 36.33 ? 104 PRO A CA 1 
ATOM 98  C CA . PHE A 1 105 ? -9.359  -6.922  12.400  1.00 37.06 ? 105 PHE A CA 1 
ATOM 99  C CA . SER A 1 106 ? -9.382  -7.347  16.157  1.00 41.56 ? 106 SER A CA 1 
ATOM 100 C CA . GLN A 1 107 ? -11.523 -6.380  19.117  1.00 45.71 ? 107 GLN A CA 1 
ATOM 101 C CA . GLU A 1 123 ? -16.809 -4.101  28.144  1.00 56.80 ? 123 GLU A CA 1 
ATOM 102 C CA . GLU A 1 124 ? -20.190 -4.637  26.419  1.00 54.91 ? 124 GLU A CA 1 
ATOM 103 C CA . GLU A 1 125 ? -20.060 -1.161  24.812  1.00 50.97 ? 125 GLU A CA 1 
ATOM 104 C CA . LEU A 1 126 ? -16.860 -2.135  22.968  1.00 45.61 ? 126 LEU A CA 1 
ATOM 105 C CA . LEU A 1 127 ? -17.586 -5.754  22.052  1.00 39.62 ? 127 LEU A CA 1 
ATOM 106 C CA . ILE A 1 128 ? -18.293 -6.009  18.335  1.00 35.02 ? 128 ILE A CA 1 
ATOM 107 C CA . LYS A 1 129 ? -20.800 -8.736  17.506  1.00 32.32 ? 129 LYS A CA 1 
ATOM 108 C CA . SER A 1 130 ? -21.632 -7.975  13.879  1.00 28.10 ? 130 SER A CA 1 
ATOM 109 C CA . PRO A 1 131 ? -20.513 -10.470 11.234  1.00 23.81 ? 131 PRO A CA 1 
ATOM 110 C CA . ILE A 1 132 ? -17.402 -9.258  9.444   1.00 22.39 ? 132 ILE A CA 1 
ATOM 111 C CA . LYS A 1 133 ? -16.392 -9.503  5.804   1.00 20.56 ? 133 LYS A CA 1 
ATOM 112 C CA . VAL A 1 134 ? -12.659 -9.086  5.185   1.00 20.66 ? 134 VAL A CA 1 
ATOM 113 C CA . ILE A 1 135 ? -11.875 -7.546  1.790   1.00 20.01 ? 135 ILE A CA 1 
ATOM 114 C CA . SER A 1 136 ? -8.295  -8.691  1.351   1.00 19.77 ? 136 SER A CA 1 
ATOM 115 C CA . GLN A 1 137 ? -5.719  -6.725  -0.690  1.00 20.60 ? 137 GLN A CA 1 
ATOM 116 C CA . GLY A 1 138 ? -3.797  -9.976  -1.034  1.00 21.69 ? 138 GLY A CA 1 
ATOM 117 C CA . ILE A 1 139 ? -4.961  -12.595 -3.490  1.00 24.93 ? 139 ILE A CA 1 
ATOM 118 C CA . ASN A 1 140 ? -4.245  -15.498 -1.094  1.00 26.48 ? 140 ASN A CA 1 
ATOM 119 C CA . LEU A 1 141 ? -7.190  -15.753 1.225   1.00 27.84 ? 141 LEU A CA 1 
ATOM 120 C CA . ASP A 1 142 ? -5.589  -18.456 3.399   1.00 31.99 ? 142 ASP A CA 1 
ATOM 121 C CA . ILE A 1 143 ? -3.091  -15.903 4.696   1.00 30.47 ? 143 ILE A CA 1 
ATOM 122 C CA . ALA A 1 144 ? -6.103  -13.613 5.285   1.00 31.01 ? 144 ALA A CA 1 
ATOM 123 C CA . LYS A 1 145 ? -7.919  -16.430 7.098   1.00 33.56 ? 145 LYS A CA 1 
ATOM 124 C CA . ALA A 1 146 ? -4.946  -17.413 9.253   1.00 35.20 ? 146 ALA A CA 1 
ATOM 125 C CA . ALA A 1 147 ? -4.349  -13.816 10.376  1.00 37.14 ? 147 ALA A CA 1 
ATOM 126 C CA . HIS A 1 148 ? -7.897  -13.595 11.677  1.00 39.87 ? 148 HIS A CA 1 
ATOM 127 C CA . LYS A 1 149 ? -8.004  -17.102 13.155  1.00 48.24 ? 149 LYS A CA 1 
ATOM 128 C CA . LYS A 1 150 ? -8.326  -15.388 16.551  1.00 52.91 ? 150 LYS A CA 1 
ATOM 129 C CA . VAL A 1 151 ? -11.548 -13.560 15.622  1.00 54.44 ? 151 VAL A CA 1 
ATOM 130 C CA . ASP A 1 152 ? -14.619 -15.382 16.890  1.00 54.11 ? 152 ASP A CA 1 
ATOM 131 C CA . ASN A 1 153 ? -17.060 -13.216 14.935  1.00 49.11 ? 153 ASN A CA 1 
ATOM 132 C CA . VAL A 1 154 ? -18.776 -14.790 11.934  1.00 44.17 ? 154 VAL A CA 1 
ATOM 133 C CA . ILE A 1 155 ? -16.358 -13.773 9.232   1.00 36.13 ? 155 ILE A CA 1 
ATOM 134 C CA . GLU A 1 156 ? -16.134 -14.082 5.433   1.00 29.96 ? 156 GLU A CA 1 
ATOM 135 C CA . PHE A 1 157 ? -13.322 -13.278 2.986   1.00 25.40 ? 157 PHE A CA 1 
ATOM 136 C CA . GLU A 1 158 ? -13.110 -11.824 -0.513  1.00 23.04 ? 158 GLU A CA 1 
ATOM 137 C CA . TYR A 1 159 ? -10.176 -10.531 -2.581  1.00 19.36 ? 159 TYR A CA 1 
ATOM 138 C CA . PHE A 1 160 ? -10.155 -7.042  -4.115  1.00 18.14 ? 160 PHE A CA 1 
ATOM 139 C CA . PRO A 1 161 ? -7.146  -4.976  -5.287  1.00 17.74 ? 161 PRO A CA 1 
ATOM 140 C CA . ILE A 1 162 ? -7.765  -2.007  -2.990  1.00 20.43 ? 162 ILE A CA 1 
ATOM 141 C CA . GLU A 1 163 ? -4.363  -0.392  -3.632  1.00 20.90 ? 163 GLU A CA 1 
ATOM 142 C CA . GLN A 1 164 ? -5.298  0.628   -7.176  1.00 19.26 ? 164 GLN A CA 1 
ATOM 143 C CA . TYR A 1 165 ? -7.182  3.552   -5.664  1.00 23.54 ? 165 TYR A CA 1 
ATOM 144 C CA . LYS A 1 166 ? -4.200  5.810   -6.312  1.00 27.35 ? 166 LYS A CA 1 
ATOM 145 C CA . ILE A 1 167 ? -4.046  5.107   -10.026 1.00 25.82 ? 167 ILE A CA 1 
ATOM 146 C CA . HIS A 1 168 ? -7.798  5.650   -10.471 1.00 29.12 ? 168 HIS A CA 1 
ATOM 147 C CA . MET A 1 169 ? -7.473  9.067   -8.915  1.00 38.30 ? 169 MET A CA 1 
ATOM 148 C CA . ASN A 1 170 ? -8.719  11.450  -11.614 1.00 45.43 ? 170 ASN A CA 1 
ATOM 149 C CA . ASP A 1 171 ? -5.534  13.468  -11.648 1.00 46.73 ? 171 ASP A CA 1 
ATOM 150 C CA . PHE A 1 172 ? -3.020  10.593  -11.474 1.00 42.93 ? 172 PHE A CA 1 
ATOM 151 C CA . GLN A 1 173 ? -0.201  11.057  -13.979 1.00 39.06 ? 173 GLN A CA 1 
ATOM 152 C CA . LEU A 1 174 ? 2.925   9.307   -15.179 1.00 35.22 ? 174 LEU A CA 1 
ATOM 153 C CA . SER A 1 175 ? 6.307   10.937  -14.603 1.00 33.68 ? 175 SER A CA 1 
ATOM 154 C CA . LYS A 1 176 ? 8.116   12.457  -17.575 1.00 33.74 ? 176 LYS A CA 1 
ATOM 155 C CA . PRO A 1 177 ? 11.735  11.960  -18.646 1.00 29.38 ? 177 PRO A CA 1 
ATOM 156 C CA . THR A 1 178 ? 13.997  13.124  -15.830 1.00 27.94 ? 178 THR A CA 1 
ATOM 157 C CA . LYS A 1 179 ? 17.737  13.790  -15.591 1.00 27.06 ? 179 LYS A CA 1 
ATOM 158 C CA . LYS A 1 180 ? 19.334  10.895  -13.742 1.00 22.69 ? 180 LYS A CA 1 
ATOM 159 C CA . THR A 1 181 ? 21.535  11.560  -10.735 1.00 21.11 ? 181 THR A CA 1 
ATOM 160 C CA . LEU A 1 182 ? 21.175  8.115   -9.107  1.00 19.98 ? 182 LEU A CA 1 
ATOM 161 C CA . ASP A 1 183 ? 21.465  4.467   -10.146 1.00 17.31 ? 183 ASP A CA 1 
ATOM 162 C CA . VAL A 1 184 ? 18.952  2.855   -7.777  1.00 17.70 ? 184 VAL A CA 1 
ATOM 163 C CA . ILE A 1 185 ? 16.423  4.295   -5.343  1.00 19.29 ? 185 ILE A CA 1 
ATOM 164 C CA . TYR A 1 186 ? 14.434  2.540   -2.665  1.00 23.43 ? 186 TYR A CA 1 
ATOM 165 C CA . GLY A 1 187 ? 11.884  4.071   -0.341  1.00 31.48 ? 187 GLY A CA 1 
ATOM 166 C CA . GLY A 1 188 ? 10.830  2.366   2.853   1.00 39.95 ? 188 GLY A CA 1 
ATOM 167 C CA . SER A 1 189 ? 10.944  1.859   6.592   1.00 46.94 ? 189 SER A CA 1 
ATOM 168 C CA . PHE A 1 190 ? 13.211  -0.362  8.636   1.00 52.21 ? 190 PHE A CA 1 
ATOM 169 C CA . ARG A 1 191 ? 11.210  -3.603  8.795   1.00 56.51 ? 191 ARG A CA 1 
ATOM 170 C CA . SER A 1 192 ? 13.425  -6.272  10.438  1.00 57.36 ? 192 SER A CA 1 
ATOM 171 C CA . GLY A 1 193 ? 13.861  -9.971  9.681   1.00 55.48 ? 193 GLY A CA 1 
ATOM 172 C CA . GLN A 1 194 ? 13.547  -10.950 6.025   1.00 52.86 ? 194 GLN A CA 1 
ATOM 173 C CA . ARG A 1 195 ? 13.079  -7.295  5.095   1.00 45.84 ? 195 ARG A CA 1 
ATOM 174 C CA . GLU A 1 196 ? 16.274  -6.244  6.920   1.00 36.79 ? 196 GLU A CA 1 
ATOM 175 C CA . SER A 1 197 ? 18.100  -9.163  5.329   1.00 30.45 ? 197 SER A CA 1 
ATOM 176 C CA . LYS A 1 198 ? 16.787  -8.196  1.897   1.00 25.73 ? 198 LYS A CA 1 
ATOM 177 C CA . MET A 1 199 ? 17.640  -4.529  2.233   1.00 21.49 ? 199 MET A CA 1 
ATOM 178 C CA . VAL A 1 200 ? 21.254  -5.434  3.106   1.00 19.30 ? 200 VAL A CA 1 
ATOM 179 C CA . GLU A 1 201 ? 21.356  -7.877  0.186   1.00 18.10 ? 201 GLU A CA 1 
ATOM 180 C CA . PHE A 1 202 ? 20.104  -5.506  -2.502  1.00 18.21 ? 202 PHE A CA 1 
ATOM 181 C CA . LEU A 1 203 ? 21.119  -2.033  -1.293  1.00 16.01 ? 203 LEU A CA 1 
ATOM 182 C CA . PHE A 1 204 ? 24.437  -2.433  0.551   1.00 16.48 ? 204 PHE A CA 1 
ATOM 183 C CA . ASP A 1 205 ? 27.952  -3.034  -0.881  1.00 16.33 ? 205 ASP A CA 1 
ATOM 184 C CA . THR A 1 206 ? 26.752  -2.741  -4.465  1.00 17.67 ? 206 THR A CA 1 
ATOM 185 C CA . GLY A 1 207 ? 29.190  -0.079  -5.631  1.00 18.55 ? 207 GLY A CA 1 
ATOM 186 C CA . LEU A 1 208 ? 26.258  1.737   -7.246  1.00 17.58 ? 208 LEU A CA 1 
ATOM 187 C CA . ASN A 1 209 ? 24.958  5.208   -6.378  1.00 18.19 ? 209 ASN A CA 1 
ATOM 188 C CA . ILE A 1 210 ? 22.026  4.179   -4.194  1.00 18.99 ? 210 ILE A CA 1 
ATOM 189 C CA . GLU A 1 211 ? 19.653  6.201   -2.101  1.00 21.72 ? 211 GLU A CA 1 
ATOM 190 C CA . PHE A 1 212 ? 17.286  4.899   0.544   1.00 23.13 ? 212 PHE A CA 1 
ATOM 191 C CA . PHE A 1 213 ? 14.563  7.401   1.532   1.00 26.06 ? 213 PHE A CA 1 
ATOM 192 C CA . GLY A 1 214 ? 11.879  6.952   4.188   1.00 30.02 ? 214 GLY A CA 1 
ATOM 193 C CA . ASN A 1 215 ? 11.792  5.808   7.814   1.00 34.55 ? 215 ASN A CA 1 
ATOM 194 C CA . ALA A 1 216 ? 15.118  3.993   8.015   1.00 36.47 ? 216 ALA A CA 1 
ATOM 195 C CA . ARG A 1 217 ? 18.493  4.997   9.358   1.00 38.12 ? 217 ARG A CA 1 
ATOM 196 C CA . GLU A 1 218 ? 21.886  3.419   8.945   1.00 41.08 ? 218 GLU A CA 1 
ATOM 197 C CA . LYS A 1 219 ? 22.273  3.001   12.710  1.00 41.37 ? 219 LYS A CA 1 
ATOM 198 C CA . GLN A 1 220 ? 19.364  0.573   12.640  1.00 40.79 ? 220 GLN A CA 1 
ATOM 199 C CA . PHE A 1 221 ? 21.372  -1.874  10.514  1.00 38.93 ? 221 PHE A CA 1 
ATOM 200 C CA . LYS A 1 222 ? 23.417  -3.284  13.406  1.00 42.24 ? 222 LYS A CA 1 
ATOM 201 C CA . ASN A 1 223 ? 22.641  -6.999  13.174  1.00 43.23 ? 223 ASN A CA 1 
ATOM 202 C CA . PRO A 1 224 ? 25.871  -9.147  13.028  1.00 40.62 ? 224 PRO A CA 1 
ATOM 203 C CA . LYS A 1 225 ? 23.696  -11.614 11.177  1.00 35.48 ? 225 LYS A CA 1 
ATOM 204 C CA . TYR A 1 226 ? 23.660  -9.421  8.047   1.00 30.17 ? 226 TYR A CA 1 
ATOM 205 C CA . PRO A 1 227 ? 27.185  -7.979  7.595   1.00 27.07 ? 227 PRO A CA 1 
ATOM 206 C CA . TRP A 1 228 ? 27.998  -5.144  5.184   1.00 25.70 ? 228 TRP A CA 1 
ATOM 207 C CA . THR A 1 229 ? 30.814  -2.649  4.657   1.00 26.55 ? 229 THR A CA 1 
ATOM 208 C CA . LYS A 1 230 ? 29.313  0.299   2.787   1.00 26.83 ? 230 LYS A CA 1 
ATOM 209 C CA . ALA A 1 231 ? 25.715  1.534   3.207   1.00 23.88 ? 231 ALA A CA 1 
ATOM 210 C CA . PRO A 1 232 ? 23.500  3.458   0.729   1.00 23.48 ? 232 PRO A CA 1 
ATOM 211 C CA . VAL A 1 233 ? 22.732  7.172   1.274   1.00 24.68 ? 233 VAL A CA 1 
ATOM 212 C CA . PHE A 1 234 ? 19.897  7.443   3.757   1.00 27.78 ? 234 PHE A CA 1 
ATOM 213 C CA . THR A 1 235 ? 17.673  10.432  3.265   1.00 34.48 ? 235 THR A CA 1 
ATOM 214 C CA . GLY A 1 236 ? 14.591  11.576  5.120   1.00 42.81 ? 236 GLY A CA 1 
ATOM 215 C CA . LYS A 1 237 ? 10.950  10.921  4.333   1.00 48.49 ? 237 LYS A CA 1 
ATOM 216 C CA . ILE A 1 238 ? 9.419   12.761  1.394   1.00 53.32 ? 238 ILE A CA 1 
ATOM 217 C CA . PRO A 1 239 ? 5.850   14.128  1.040   1.00 56.14 ? 239 PRO A CA 1 
ATOM 218 C CA . MET A 1 240 ? 3.408   11.256  0.404   1.00 57.65 ? 240 MET A CA 1 
ATOM 219 C CA . ASN A 1 241 ? 2.604   12.474  -3.105  1.00 56.90 ? 241 ASN A CA 1 
ATOM 220 C CA . MET A 1 242 ? 6.146   12.646  -4.423  1.00 52.43 ? 242 MET A CA 1 
ATOM 221 C CA . VAL A 1 243 ? 7.138   8.993   -4.429  1.00 44.01 ? 243 VAL A CA 1 
ATOM 222 C CA . SER A 1 244 ? 7.073   8.886   -8.229  1.00 38.54 ? 244 SER A CA 1 
ATOM 223 C CA . GLU A 1 245 ? 9.016   12.171  -8.606  1.00 32.81 ? 245 GLU A CA 1 
ATOM 224 C CA . LYS A 1 246 ? 11.651  11.077  -6.101  1.00 28.39 ? 246 LYS A CA 1 
ATOM 225 C CA . ASN A 1 247 ? 11.868  7.743   -7.925  1.00 24.64 ? 247 ASN A CA 1 
ATOM 226 C CA . SER A 1 248 ? 12.289  9.442   -11.294 1.00 21.18 ? 248 SER A CA 1 
ATOM 227 C CA . GLN A 1 249 ? 15.793  10.716  -10.416 1.00 21.72 ? 249 GLN A CA 1 
ATOM 228 C CA . ALA A 1 250 ? 17.082  7.155   -10.705 1.00 16.94 ? 250 ALA A CA 1 
ATOM 229 C CA . ILE A 1 251 ? 17.732  4.673   -13.459 1.00 15.91 ? 251 ILE A CA 1 
ATOM 230 C CA . ALA A 1 252 ? 15.897  1.928   -11.546 1.00 15.11 ? 252 ALA A CA 1 
ATOM 231 C CA . ALA A 1 253 ? 13.758  1.712   -8.400  1.00 16.89 ? 253 ALA A CA 1 
ATOM 232 C CA . LEU A 1 254 ? 13.517  -1.487  -6.431  1.00 19.11 ? 254 LEU A CA 1 
ATOM 233 C CA . ILE A 1 255 ? 10.517  -3.485  -5.148  1.00 19.26 ? 255 ILE A CA 1 
ATOM 234 C CA . ILE A 1 256 ? 11.666  -5.653  -2.243  1.00 24.43 ? 256 ILE A CA 1 
ATOM 235 C CA . GLY A 1 257 ? 9.896   -8.702  -0.818  1.00 28.97 ? 257 GLY A CA 1 
ATOM 236 C CA . ASP A 1 258 ? 8.415   -9.129  2.638   1.00 32.58 ? 258 ASP A CA 1 
ATOM 237 C CA . LYS A 1 259 ? 6.933   -12.259 4.251   1.00 35.34 ? 259 LYS A CA 1 
ATOM 238 C CA . ASN A 1 260 ? 3.262   -12.949 3.430   1.00 35.73 ? 260 ASN A CA 1 
ATOM 239 C CA . TYR A 1 261 ? 3.262   -10.078 0.933   1.00 31.20 ? 261 TYR A CA 1 
ATOM 240 C CA . ASN A 1 262 ? 5.191   -12.225 -1.541  1.00 25.42 ? 262 ASN A CA 1 
ATOM 241 C CA . ASP A 1 263 ? 2.925   -13.869 -4.103  1.00 24.93 ? 263 ASP A CA 1 
ATOM 242 C CA . ASN A 1 264 ? -0.053  -12.323 -2.361  1.00 24.12 ? 264 ASN A CA 1 
ATOM 243 C CA . PHE A 1 265 ? -0.175  -8.521  -2.137  1.00 23.71 ? 265 PHE A CA 1 
ATOM 244 C CA . ILE A 1 266 ? 0.537   -5.830  -4.726  1.00 23.24 ? 266 ILE A CA 1 
ATOM 245 C CA . THR A 1 267 ? 1.312   -2.624  -2.877  1.00 22.82 ? 267 THR A CA 1 
ATOM 246 C CA . LEU A 1 268 ? 0.994   1.123   -3.582  1.00 24.08 ? 268 LEU A CA 1 
ATOM 247 C CA . ARG A 1 269 ? 4.760   1.235   -3.975  1.00 24.83 ? 269 ARG A CA 1 
ATOM 248 C CA . VAL A 1 270 ? 4.364   -1.005  -7.062  1.00 21.68 ? 270 VAL A CA 1 
ATOM 249 C CA . TRP A 1 271 ? 2.016   1.467   -8.775  1.00 21.75 ? 271 TRP A CA 1 
ATOM 250 C CA . GLU A 1 272 ? 3.949   4.547   -7.624  1.00 24.32 ? 272 GLU A CA 1 
ATOM 251 C CA . THR A 1 273 ? 7.128   2.957   -8.984  1.00 22.86 ? 273 THR A CA 1 
ATOM 252 C CA . MET A 1 274 ? 5.462   1.831   -12.228 1.00 21.76 ? 274 MET A CA 1 
ATOM 253 C CA . ALA A 1 275 ? 4.246   5.409   -12.809 1.00 19.34 ? 275 ALA A CA 1 
ATOM 254 C CA . SER A 1 276 ? 7.722   6.908   -12.353 1.00 18.36 ? 276 SER A CA 1 
ATOM 255 C CA . ASP A 1 277 ? 10.495  7.529   -14.909 1.00 18.72 ? 277 ASP A CA 1 
ATOM 256 C CA . ALA A 1 278 ? 12.589  4.859   -13.151 1.00 16.83 ? 278 ALA A CA 1 
ATOM 257 C CA . VAL A 1 279 ? 12.698  1.292   -14.387 1.00 17.05 ? 279 VAL A CA 1 
ATOM 258 C CA . MET A 1 280 ? 10.901  -0.972  -11.915 1.00 18.85 ? 280 MET A CA 1 
ATOM 259 C CA . LEU A 1 281 ? 12.986  -3.947  -10.831 1.00 16.34 ? 281 LEU A CA 1 
ATOM 260 C CA . ILE A 1 282 ? 11.295  -6.568  -8.703  1.00 16.62 ? 282 ILE A CA 1 
ATOM 261 C CA . ASP A 1 283 ? 12.799  -8.949  -6.196  1.00 18.28 ? 283 ASP A CA 1 
ATOM 262 C CA . GLU A 1 284 ? 11.912  -12.342 -7.741  1.00 21.91 ? 284 GLU A CA 1 
ATOM 263 C CA . GLU A 1 285 ? 10.700  -13.800 -4.441  1.00 24.35 ? 285 GLU A CA 1 
ATOM 264 C CA . PHE A 1 286 ? 8.067   -11.081 -4.175  1.00 20.13 ? 286 PHE A CA 1 
ATOM 265 C CA . ASP A 1 287 ? 6.349   -12.202 -7.419  1.00 19.40 ? 287 ASP A CA 1 
ATOM 266 C CA . THR A 1 288 ? 7.532   -15.634 -8.516  1.00 21.87 ? 288 THR A CA 1 
ATOM 267 C CA . LYS A 1 289 ? 4.801   -16.164 -11.054 1.00 26.24 ? 289 LYS A CA 1 
ATOM 268 C CA . HIS A 1 290 ? 5.535   -12.796 -12.667 1.00 26.38 ? 290 HIS A CA 1 
ATOM 269 C CA . ARG A 1 291 ? 2.012   -11.407 -12.189 1.00 27.61 ? 291 ARG A CA 1 
ATOM 270 C CA . ILE A 1 292 ? 3.076   -7.771  -12.082 1.00 23.96 ? 292 ILE A CA 1 
ATOM 271 C CA . ILE A 1 293 ? 4.933   -7.823  -15.416 1.00 24.92 ? 293 ILE A CA 1 
ATOM 272 C CA . ASN A 1 294 ? 5.344   -10.898 -17.531 1.00 25.07 ? 294 ASN A CA 1 
ATOM 273 C CA . ASP A 1 295 ? 8.863   -10.083 -18.616 1.00 20.07 ? 295 ASP A CA 1 
ATOM 274 C CA . ALA A 1 296 ? 11.906  -11.679 -17.051 1.00 17.09 ? 296 ALA A CA 1 
ATOM 275 C CA . ARG A 1 297 ? 13.983  -8.502  -17.553 1.00 15.20 ? 297 ARG A CA 1 
ATOM 276 C CA . PHE A 1 298 ? 12.224  -6.766  -14.693 1.00 12.63 ? 298 PHE A CA 1 
ATOM 277 C CA . TYR A 1 299 ? 13.190  -9.357  -12.073 1.00 13.25 ? 299 TYR A CA 1 
ATOM 278 C CA . VAL A 1 300 ? 16.365  -9.823  -10.017 1.00 13.54 ? 300 VAL A CA 1 
ATOM 279 C CA . ASN A 1 301 ? 17.199  -12.603 -7.577  1.00 17.08 ? 301 ASN A CA 1 
ATOM 280 C CA . ASN A 1 302 ? 20.166  -11.239 -5.632  1.00 16.00 ? 302 ASN A CA 1 
ATOM 281 C CA . ARG A 1 303 ? 22.747  -8.449  -5.387  1.00 15.22 ? 303 ARG A CA 1 
ATOM 282 C CA . ALA A 1 304 ? 24.804  -9.730  -8.342  1.00 16.03 ? 304 ALA A CA 1 
ATOM 283 C CA . GLU A 1 305 ? 21.821  -9.570  -10.676 1.00 17.00 ? 305 GLU A CA 1 
ATOM 284 C CA . LEU A 1 306 ? 20.744  -6.127  -9.516  1.00 17.11 ? 306 LEU A CA 1 
ATOM 285 C CA . ILE A 1 307 ? 24.286  -4.826  -10.285 1.00 17.52 ? 307 ILE A CA 1 
ATOM 286 C CA . ASP A 1 308 ? 24.336  -6.434  -13.710 1.00 18.29 ? 308 ASP A CA 1 
ATOM 287 C CA . ARG A 1 309 ? 20.809  -5.280  -14.560 1.00 17.62 ? 309 ARG A CA 1 
ATOM 288 C CA . VAL A 1 310 ? 21.497  -1.642  -13.550 1.00 19.01 ? 310 VAL A CA 1 
ATOM 289 C CA . ASN A 1 311 ? 24.710  -1.618  -15.639 1.00 21.81 ? 311 ASN A CA 1 
ATOM 290 C CA . GLU A 1 312 ? 22.805  -2.965  -18.638 1.00 23.41 ? 312 GLU A CA 1 
ATOM 291 C CA . LEU A 1 313 ? 20.263  -0.146  -18.197 1.00 22.87 ? 313 LEU A CA 1 
ATOM 292 C CA . LYS A 1 314 ? 22.977  2.457   -17.740 1.00 27.64 ? 314 LYS A CA 1 
ATOM 293 C CA . HIS A 1 315 ? 24.697  1.310   -20.906 1.00 32.31 ? 315 HIS A CA 1 
ATOM 294 C CA . SER A 1 316 ? 21.698  0.895   -23.162 1.00 29.95 ? 316 SER A CA 1 
ATOM 295 C CA . ASP A 1 317 ? 19.369  3.830   -23.381 1.00 29.07 ? 317 ASP A CA 1 
ATOM 296 C CA . VAL A 1 318 ? 17.420  1.702   -25.808 1.00 25.46 ? 318 VAL A CA 1 
ATOM 297 C CA . LEU A 1 319 ? 16.815  -1.088  -23.281 1.00 22.79 ? 319 LEU A CA 1 
ATOM 298 C CA . ARG A 1 320 ? 15.920  1.439   -20.564 1.00 21.25 ? 320 ARG A CA 1 
ATOM 299 C CA . LYS A 1 321 ? 13.417  3.312   -22.728 1.00 21.89 ? 321 LYS A CA 1 
ATOM 300 C CA . GLU A 1 322 ? 11.923  0.071   -23.977 1.00 18.61 ? 322 GLU A CA 1 
ATOM 301 C CA . MET A 1 323 ? 11.406  -1.265  -20.454 1.00 16.21 ? 323 MET A CA 1 
ATOM 302 C CA . LEU A 1 324 ? 9.913   2.025   -19.291 1.00 17.18 ? 324 LEU A CA 1 
ATOM 303 C CA . SER A 1 325 ? 7.347   2.097   -22.078 1.00 18.91 ? 325 SER A CA 1 
ATOM 304 C CA . ILE A 1 326 ? 6.393   -1.497  -21.290 1.00 17.30 ? 326 ILE A CA 1 
ATOM 305 C CA . GLN A 1 327 ? 5.788   -0.741  -17.577 1.00 17.85 ? 327 GLN A CA 1 
ATOM 306 C CA . HIS A 1 328 ? 3.902   2.458   -18.429 1.00 21.78 ? 328 HIS A CA 1 
ATOM 307 C CA . ASP A 1 329 ? 1.840   0.408   -20.804 1.00 26.23 ? 329 ASP A CA 1 
ATOM 308 C CA . ILE A 1 330 ? 0.913   -2.048  -18.084 1.00 25.60 ? 330 ILE A CA 1 
ATOM 309 C CA . LEU A 1 331 ? 0.008   0.851   -15.829 1.00 24.71 ? 331 LEU A CA 1 
ATOM 310 C CA . ASN A 1 332 ? -2.249  2.273   -18.566 1.00 26.56 ? 332 ASN A CA 1 
ATOM 311 C CA . LYS A 1 333 ? -4.130  -0.900  -19.429 1.00 29.00 ? 333 LYS A CA 1 
ATOM 312 C CA . THR A 1 334 ? -4.894  -1.226  -15.721 1.00 28.15 ? 334 THR A CA 1 
ATOM 313 C CA . ARG A 1 335 ? -6.252  2.311   -15.528 1.00 28.80 ? 335 ARG A CA 1 
ATOM 314 C CA . ALA A 1 336 ? -8.266  1.519   -18.629 1.00 28.38 ? 336 ALA A CA 1 
ATOM 315 C CA . LYS A 1 337 ? -10.302 -0.958  -16.545 1.00 26.89 ? 337 LYS A CA 1 
ATOM 316 C CA . LYS A 1 338 ? -11.471 1.661   -14.011 1.00 26.06 ? 338 LYS A CA 1 
ATOM 317 C CA . ALA A 1 339 ? -15.155 0.930   -14.619 1.00 26.24 ? 339 ALA A CA 1 
ATOM 318 C CA . GLU A 1 340 ? -14.800 -2.785  -13.873 1.00 26.61 ? 340 GLU A CA 1 
ATOM 319 C CA . TRP A 1 341 ? -12.677 -2.040  -10.815 1.00 21.19 ? 341 TRP A CA 1 
ATOM 320 C CA . GLN A 1 342 ? -15.473 0.246   -9.559  1.00 22.13 ? 342 GLN A CA 1 
ATOM 321 C CA . ASP A 1 343 ? -18.117 -2.423  -10.218 1.00 24.61 ? 343 ASP A CA 1 
ATOM 322 C CA . ALA A 1 344 ? -16.021 -5.091  -8.513  1.00 22.21 ? 344 ALA A CA 1 
ATOM 323 C CA . PHE A 1 345 ? -15.675 -2.862  -5.448  1.00 21.03 ? 345 PHE A CA 1 
ATOM 324 C CA . LYS A 1 346 ? -19.427 -2.324  -5.172  1.00 21.53 ? 346 LYS A CA 1 
ATOM 325 C CA . LYS A 1 347 ? -20.093 -6.048  -5.489  1.00 19.63 ? 347 LYS A CA 1 
ATOM 326 C CA . ALA A 1 348 ? -17.537 -6.619  -2.719  1.00 17.41 ? 348 ALA A CA 1 
ATOM 327 C CA . ILE A 1 349 ? -19.562 -4.339  -0.423  1.00 16.49 ? 349 ILE A CA 1 
ATOM 328 C CA . ASP A 1 350 ? -22.800 -6.175  -1.351  1.00 18.22 ? 350 ASP A CA 1 
ATOM 329 C CA . LEU A 1 351 ? -24.186 -3.501  -3.613  1.00 20.83 ? 351 LEU A CA 1 
# 
